data_1CRX
#
_entry.id   1CRX
#
_cell.length_a   107.700
_cell.length_b   121.000
_cell.length_c   180.400
_cell.angle_alpha   90.00
_cell.angle_beta   90.00
_cell.angle_gamma   90.00
#
_symmetry.space_group_name_H-M   'C 2 2 21'
#
loop_
_entity.id
_entity.type
_entity.pdbx_description
1 polymer "DNA (5'-D(*TP*AP*TP*AP*AP*CP*TP*TP*CP*GP*TP*AP*TP*AP*G)-3')"
2 polymer "DNA (5'-D(*AP*TP*AP*TP*GP*CP*TP*AP*TP*AP*CP*GP*AP*AP*GP*TP*TP*AP*T)-3')"
3 polymer "DNA (5'-D(P*AP*TP*AP*AP*CP*TP*TP*CP*GP*TP*AP*TP*AP*GP*C)-3')"
4 polymer 'Cre recombinase'
5 polymer 'Cre recombinase'
6 water water
#
loop_
_entity_poly.entity_id
_entity_poly.type
_entity_poly.pdbx_seq_one_letter_code
_entity_poly.pdbx_strand_id
1 'polydeoxyribonucleotide' (DT)(DA)(DT)(DA)(DA)(DC)(DT)(DT)(DC)(DG)(DT)(DA)(DT)(DA)(DG) C
2 'polydeoxyribonucleotide' (DA)(DT)(DA)(DT)(DG)(DC)(DT)(DA)(DT)(DA)(DC)(DG)(DA)(DA)(DG)(DT)(DT)(DA)(DT) D,F
3 'polydeoxyribonucleotide' (DA)(DT)(DA)(DA)(DC)(DT)(DT)(DC)(DG)(DT)(DA)(DT)(DA)(DG)(DC) E
4 'polypeptide(L)'
;SDEVRKNLMDMFRDRQAFSEHTWKMLLSVCRSWAAWCKLNNRKWFPAEPEDVRDYLLYLQARGLAVKTIQQHLGQLNMLH
RRSGLPRPSDSNAVSLVMRRIRKENVDAGERAKQALAFERTDFDQVRSLMENSDRCQDIRNLAFLGIAYNTLLRIAEIAR
IRVKDISRTDGGRMLIHIGRTKTLVSTAGVEKALSLGVTKLVERWISVSGVADDPNNYLFCRVRKNGVAAPSATSQLSTR
ALEGIFEATHRLIYGAKDDSGQRYLAWSGHSARVGAARDMARAGVSIPEIMQAGGWTNVNIVMNYIRNLDSETGAMVRLL
ED
;
A
5 'polypeptide(L)'
;SDEVRKNLMDMFRDRQAFSEHTWKMLLSVCRSWAAWCKLNNRKWFPAEPEDVRDYLLYLQARGLAVKTIQQHLGQLNMLH
RRSGLPRPSDSNAVSLVMRRIRKENVDAGERAKQALAFERTDFDQVRSLMENSDRCQDIRNLAFLGIAYNTLLRIAEIAR
IRVKDISRTDGGRMLIHIGRTKTLVSTAGVEKALSLGVTKLVERWISVSGVADDPNNYLFCRVRKNGVAAPSATSQLSTR
ALEGIFEATHRLIYGAKDDSGQRYLAWSGHSARVGAARDMARAGVSIPEIMQAGGWTNVNIVMN(PTR)IRNLDSETGAM
VRLLED
;
B
#
loop_
_chem_comp.id
_chem_comp.type
_chem_comp.name
_chem_comp.formula
DA DNA linking 2'-DEOXYADENOSINE-5'-MONOPHOSPHATE 'C10 H14 N5 O6 P'
DC DNA linking 2'-DEOXYCYTIDINE-5'-MONOPHOSPHATE 'C9 H14 N3 O7 P'
DG DNA linking 2'-DEOXYGUANOSINE-5'-MONOPHOSPHATE 'C10 H14 N5 O7 P'
DT DNA linking THYMIDINE-5'-MONOPHOSPHATE 'C10 H15 N2 O8 P'
#
# COMPACT_ATOMS: atom_id res chain seq x y z
N SER E 1 28.85 13.72 24.01
CA SER E 1 27.87 13.82 25.10
C SER E 1 26.82 14.85 24.70
N ASP E 2 27.29 15.91 24.07
CA ASP E 2 26.41 16.98 23.61
C ASP E 2 25.55 16.49 22.44
N GLU E 3 26.22 15.83 21.48
CA GLU E 3 25.58 15.30 20.29
C GLU E 3 24.46 14.32 20.57
N VAL E 4 24.61 13.50 21.61
CA VAL E 4 23.56 12.54 21.94
C VAL E 4 22.44 13.30 22.64
N ARG E 5 22.83 14.28 23.46
CA ARG E 5 21.86 15.11 24.17
C ARG E 5 20.90 15.71 23.15
N LYS E 6 21.46 16.25 22.08
CA LYS E 6 20.68 16.87 21.02
C LYS E 6 19.82 15.86 20.27
N ASN E 7 20.39 14.70 19.99
CA ASN E 7 19.68 13.66 19.25
C ASN E 7 18.51 13.09 20.05
N LEU E 8 18.62 13.11 21.36
CA LEU E 8 17.54 12.63 22.21
C LEU E 8 16.43 13.66 22.11
N MET E 9 16.84 14.93 22.04
CA MET E 9 15.91 16.06 21.96
C MET E 9 15.12 15.99 20.64
N ASP E 10 15.79 15.56 19.58
CA ASP E 10 15.17 15.41 18.26
C ASP E 10 13.98 14.47 18.41
N MET E 11 14.27 13.27 18.90
CA MET E 11 13.28 12.22 19.11
C MET E 11 12.01 12.62 19.87
N PHE E 12 12.17 13.18 21.06
CA PHE E 12 10.99 13.57 21.80
C PHE E 12 10.25 14.68 21.05
N ARG E 13 10.97 15.49 20.28
CA ARG E 13 10.29 16.55 19.54
C ARG E 13 9.39 15.95 18.47
N ASP E 14 9.92 14.99 17.73
CA ASP E 14 9.16 14.33 16.68
C ASP E 14 8.85 12.92 17.16
N ARG E 15 8.39 12.81 18.40
CA ARG E 15 8.05 11.51 18.94
C ARG E 15 6.89 10.93 18.17
N GLN E 16 6.16 11.78 17.46
CA GLN E 16 5.02 11.34 16.68
C GLN E 16 5.42 10.59 15.43
N ALA E 17 6.71 10.52 15.18
CA ALA E 17 7.22 9.82 14.02
C ALA E 17 6.85 8.34 14.17
N PHE E 18 6.51 7.95 15.40
CA PHE E 18 6.17 6.57 15.70
C PHE E 18 4.85 6.45 16.47
N SER E 19 4.32 5.23 16.53
CA SER E 19 3.06 4.99 17.22
C SER E 19 3.38 4.74 18.69
N GLU E 20 2.43 5.03 19.57
CA GLU E 20 2.64 4.84 20.99
C GLU E 20 2.98 3.38 21.29
N HIS E 21 2.45 2.47 20.48
CA HIS E 21 2.72 1.04 20.66
C HIS E 21 4.21 0.77 20.52
N THR E 22 4.85 1.47 19.58
CA THR E 22 6.27 1.31 19.28
C THR E 22 7.14 1.83 20.42
N TRP E 23 6.83 3.05 20.83
CA TRP E 23 7.54 3.71 21.92
C TRP E 23 7.48 2.87 23.19
N LYS E 24 6.30 2.34 23.46
CA LYS E 24 6.07 1.48 24.62
C LYS E 24 6.98 0.26 24.54
N MET E 25 7.19 -0.24 23.33
CA MET E 25 8.06 -1.40 23.15
C MET E 25 9.52 -0.97 23.33
N LEU E 26 9.84 0.26 22.92
CA LEU E 26 11.19 0.77 23.07
C LEU E 26 11.56 0.93 24.54
N LEU E 27 10.70 1.60 25.28
CA LEU E 27 10.93 1.83 26.70
C LEU E 27 11.07 0.53 27.47
N SER E 28 10.35 -0.50 27.01
CA SER E 28 10.39 -1.80 27.66
C SER E 28 11.77 -2.46 27.52
N VAL E 29 12.43 -2.28 26.39
CA VAL E 29 13.76 -2.88 26.24
C VAL E 29 14.82 -2.11 27.01
N CYS E 30 14.67 -0.79 27.10
CA CYS E 30 15.64 0.02 27.84
C CYS E 30 15.59 -0.40 29.30
N ARG E 31 14.38 -0.51 29.84
CA ARG E 31 14.20 -0.92 31.23
C ARG E 31 14.84 -2.29 31.43
N SER E 32 14.62 -3.17 30.46
CA SER E 32 15.19 -4.51 30.56
C SER E 32 16.72 -4.41 30.52
N TRP E 33 17.22 -3.68 29.53
CA TRP E 33 18.65 -3.50 29.35
C TRP E 33 19.25 -2.91 30.61
N ALA E 34 18.80 -1.71 30.96
CA ALA E 34 19.29 -1.00 32.15
C ALA E 34 19.30 -1.87 33.41
N ALA E 35 18.23 -2.63 33.64
CA ALA E 35 18.15 -3.48 34.82
C ALA E 35 19.16 -4.63 34.78
N TRP E 36 19.37 -5.21 33.60
CA TRP E 36 20.32 -6.30 33.46
C TRP E 36 21.72 -5.74 33.63
N CYS E 37 21.90 -4.50 33.19
CA CYS E 37 23.17 -3.82 33.26
C CYS E 37 23.61 -3.53 34.69
N LYS E 38 22.78 -2.81 35.42
CA LYS E 38 23.07 -2.45 36.80
C LYS E 38 23.30 -3.71 37.60
N LEU E 39 22.50 -4.73 37.31
CA LEU E 39 22.60 -6.00 38.00
C LEU E 39 23.92 -6.73 37.72
N ASN E 40 24.43 -6.62 36.50
CA ASN E 40 25.67 -7.27 36.13
C ASN E 40 26.86 -6.32 36.14
N ASN E 41 26.59 -5.07 36.47
CA ASN E 41 27.64 -4.06 36.54
C ASN E 41 28.27 -3.73 35.20
N ARG E 42 27.47 -3.14 34.31
CA ARG E 42 27.93 -2.74 32.99
C ARG E 42 27.22 -1.45 32.65
N LYS E 43 27.94 -0.53 32.03
CA LYS E 43 27.36 0.74 31.62
C LYS E 43 26.34 0.46 30.53
N TRP E 44 25.12 0.95 30.72
CA TRP E 44 24.05 0.71 29.78
C TRP E 44 23.98 1.69 28.61
N PHE E 45 24.84 2.69 28.60
CA PHE E 45 24.80 3.68 27.53
C PHE E 45 26.09 4.51 27.49
N PRO E 46 26.87 4.41 26.41
CA PRO E 46 26.68 3.56 25.23
C PRO E 46 27.03 2.10 25.49
N ALA E 47 26.20 1.19 25.00
CA ALA E 47 26.40 -0.23 25.18
C ALA E 47 27.64 -0.75 24.46
N GLU E 48 28.38 -1.63 25.13
CA GLU E 48 29.57 -2.21 24.54
C GLU E 48 29.27 -3.61 24.00
N PRO E 49 29.87 -3.95 22.85
CA PRO E 49 29.72 -5.24 22.17
C PRO E 49 29.59 -6.44 23.09
N GLU E 50 30.63 -6.71 23.88
CA GLU E 50 30.61 -7.87 24.77
C GLU E 50 29.46 -7.82 25.76
N ASP E 51 29.15 -6.63 26.26
CA ASP E 51 28.06 -6.49 27.21
C ASP E 51 26.75 -6.87 26.52
N VAL E 52 26.55 -6.36 25.32
CA VAL E 52 25.34 -6.66 24.56
C VAL E 52 25.30 -8.13 24.25
N ARG E 53 26.45 -8.67 23.88
CA ARG E 53 26.55 -10.09 23.56
C ARG E 53 26.13 -10.89 24.79
N ASP E 54 26.66 -10.50 25.94
CA ASP E 54 26.34 -11.18 27.17
C ASP E 54 24.84 -11.09 27.51
N TYR E 55 24.23 -9.96 27.16
CA TYR E 55 22.82 -9.75 27.43
C TYR E 55 21.94 -10.62 26.53
N LEU E 56 22.29 -10.69 25.25
CA LEU E 56 21.53 -11.47 24.28
C LEU E 56 21.54 -12.95 24.64
N LEU E 57 22.66 -13.42 25.17
CA LEU E 57 22.79 -14.82 25.57
C LEU E 57 21.92 -15.03 26.82
N TYR E 58 21.76 -13.97 27.60
CA TYR E 58 20.96 -14.01 28.81
C TYR E 58 19.47 -14.10 28.42
N LEU E 59 19.09 -13.39 27.37
CA LEU E 59 17.71 -13.43 26.91
C LEU E 59 17.41 -14.81 26.36
N GLN E 60 18.42 -15.41 25.72
CA GLN E 60 18.25 -16.74 25.16
C GLN E 60 18.08 -17.75 26.29
N ALA E 61 18.92 -17.63 27.33
CA ALA E 61 18.83 -18.53 28.47
C ALA E 61 17.49 -18.26 29.15
N ARG E 62 17.00 -17.03 29.01
CA ARG E 62 15.73 -16.63 29.59
C ARG E 62 14.57 -17.31 28.86
N GLY E 63 14.89 -18.05 27.79
CA GLY E 63 13.87 -18.76 27.03
C GLY E 63 13.09 -17.92 26.04
N LEU E 64 13.59 -16.76 25.69
CA LEU E 64 12.89 -15.88 24.75
C LEU E 64 13.08 -16.36 23.32
N ALA E 65 12.06 -16.15 22.50
CA ALA E 65 12.09 -16.55 21.10
C ALA E 65 13.05 -15.67 20.33
N VAL E 66 13.58 -16.19 19.22
CA VAL E 66 14.53 -15.45 18.39
C VAL E 66 14.05 -14.09 17.94
N LYS E 67 12.77 -13.98 17.58
CA LYS E 67 12.24 -12.69 17.16
C LYS E 67 12.26 -11.73 18.34
N THR E 68 11.96 -12.25 19.53
CA THR E 68 11.95 -11.42 20.74
C THR E 68 13.35 -10.89 20.98
N ILE E 69 14.33 -11.76 20.84
CA ILE E 69 15.72 -11.38 21.04
C ILE E 69 16.17 -10.37 19.97
N GLN E 70 15.64 -10.52 18.76
CA GLN E 70 16.00 -9.61 17.67
C GLN E 70 15.37 -8.25 17.96
N GLN E 71 14.20 -8.27 18.59
CA GLN E 71 13.50 -7.03 18.94
C GLN E 71 14.23 -6.26 20.03
N HIS E 72 14.93 -6.99 20.89
CA HIS E 72 15.68 -6.36 21.97
C HIS E 72 16.92 -5.70 21.40
N LEU E 73 17.58 -6.39 20.46
CA LEU E 73 18.79 -5.88 19.82
C LEU E 73 18.38 -4.78 18.87
N GLY E 74 17.18 -4.93 18.32
CA GLY E 74 16.67 -3.95 17.39
C GLY E 74 16.60 -2.58 17.99
N GLN E 75 15.73 -2.43 18.98
CA GLN E 75 15.56 -1.15 19.67
C GLN E 75 16.91 -0.61 20.13
N LEU E 76 17.71 -1.47 20.75
CA LEU E 76 19.02 -1.09 21.24
C LEU E 76 19.84 -0.44 20.12
N ASN E 77 19.65 -0.94 18.90
CA ASN E 77 20.35 -0.41 17.74
C ASN E 77 19.78 0.93 17.34
N MET E 78 18.46 1.05 17.40
CA MET E 78 17.80 2.31 17.06
C MET E 78 18.49 3.41 17.87
N LEU E 79 18.30 3.34 19.18
CA LEU E 79 18.87 4.30 20.11
C LEU E 79 20.28 4.74 19.75
N HIS E 80 21.15 3.77 19.52
CA HIS E 80 22.53 4.08 19.20
C HIS E 80 22.71 4.71 17.83
N ARG E 81 22.12 4.11 16.81
CA ARG E 81 22.23 4.64 15.46
C ARG E 81 21.67 6.06 15.38
N ARG E 82 20.53 6.28 16.04
CA ARG E 82 19.93 7.59 16.05
C ARG E 82 20.88 8.58 16.71
N SER E 83 21.25 8.33 17.97
CA SER E 83 22.20 9.20 18.64
C SER E 83 23.50 9.06 17.86
N GLY E 84 24.54 9.79 18.24
CA GLY E 84 25.78 9.69 17.50
C GLY E 84 26.62 8.45 17.76
N LEU E 85 26.03 7.44 18.40
CA LEU E 85 26.77 6.22 18.72
C LEU E 85 26.55 5.07 17.73
N PRO E 86 27.54 4.16 17.64
CA PRO E 86 27.50 3.00 16.74
C PRO E 86 26.50 1.95 17.22
N ARG E 87 25.90 1.22 16.29
CA ARG E 87 24.94 0.20 16.65
C ARG E 87 25.67 -1.09 16.99
N PRO E 88 25.36 -1.67 18.16
CA PRO E 88 26.01 -2.92 18.59
C PRO E 88 25.97 -4.01 17.52
N SER E 89 25.01 -3.91 16.61
CA SER E 89 24.87 -4.89 15.54
C SER E 89 26.07 -4.87 14.61
N ASP E 90 26.71 -3.72 14.50
CA ASP E 90 27.87 -3.59 13.64
C ASP E 90 29.15 -4.14 14.26
N SER E 91 29.02 -4.81 15.39
CA SER E 91 30.18 -5.39 16.03
C SER E 91 30.26 -6.88 15.72
N ASN E 92 31.48 -7.37 15.55
CA ASN E 92 31.72 -8.77 15.24
C ASN E 92 31.07 -9.71 16.26
N ALA E 93 31.29 -9.44 17.55
CA ALA E 93 30.74 -10.27 18.62
C ALA E 93 29.22 -10.39 18.62
N VAL E 94 28.51 -9.26 18.55
CA VAL E 94 27.04 -9.30 18.54
C VAL E 94 26.54 -10.04 17.30
N SER E 95 27.16 -9.75 16.17
CA SER E 95 26.80 -10.36 14.90
C SER E 95 26.91 -11.85 15.03
N LEU E 96 28.01 -12.30 15.64
CA LEU E 96 28.24 -13.73 15.83
C LEU E 96 27.24 -14.38 16.79
N VAL E 97 26.93 -13.73 17.92
CA VAL E 97 25.99 -14.35 18.86
C VAL E 97 24.61 -14.51 18.30
N MET E 98 24.08 -13.47 17.67
CA MET E 98 22.74 -13.55 17.10
C MET E 98 22.66 -14.74 16.13
N ARG E 99 23.72 -14.90 15.33
CA ARG E 99 23.80 -15.98 14.35
C ARG E 99 23.66 -17.37 14.97
N ARG E 100 24.51 -17.64 15.97
CA ARG E 100 24.47 -18.94 16.62
C ARG E 100 23.21 -19.09 17.43
N ILE E 101 22.77 -18.00 18.04
CA ILE E 101 21.57 -18.01 18.85
C ILE E 101 20.41 -18.39 17.95
N ARG E 102 20.38 -17.79 16.77
CA ARG E 102 19.33 -18.04 15.80
C ARG E 102 19.18 -19.51 15.47
N LYS E 103 20.28 -20.15 15.07
CA LYS E 103 20.22 -21.57 14.72
C LYS E 103 20.15 -22.50 15.92
N GLU E 104 20.66 -22.05 17.05
CA GLU E 104 20.62 -22.88 18.24
C GLU E 104 19.15 -23.06 18.58
N ASN E 105 18.43 -21.93 18.60
CA ASN E 105 17.01 -21.94 18.92
C ASN E 105 16.19 -22.69 17.86
N VAL E 106 16.52 -22.49 16.59
CA VAL E 106 15.83 -23.18 15.51
C VAL E 106 16.11 -24.66 15.68
N ASP E 107 17.35 -24.99 16.05
CA ASP E 107 17.77 -26.37 16.25
C ASP E 107 16.89 -26.99 17.34
N ALA E 108 16.68 -26.24 18.42
CA ALA E 108 15.87 -26.70 19.55
C ALA E 108 14.43 -26.98 19.15
N GLY E 109 14.03 -26.46 17.99
CA GLY E 109 12.68 -26.67 17.51
C GLY E 109 11.76 -25.50 17.80
N GLU E 110 12.27 -24.27 17.66
CA GLU E 110 11.47 -23.08 17.91
C GLU E 110 10.65 -22.80 16.67
N ARG E 111 9.35 -22.58 16.85
CA ARG E 111 8.48 -22.31 15.70
C ARG E 111 7.53 -21.15 15.97
N ALA E 112 7.24 -20.40 14.92
CA ALA E 112 6.34 -19.28 15.01
C ALA E 112 4.93 -19.87 15.01
N LYS E 113 4.08 -19.43 15.94
CA LYS E 113 2.72 -19.93 16.01
C LYS E 113 1.73 -18.92 15.44
N GLN E 114 0.45 -19.26 15.50
CA GLN E 114 -0.60 -18.37 15.02
C GLN E 114 -1.91 -18.74 15.72
N ALA E 115 -2.90 -17.84 15.65
CA ALA E 115 -4.19 -18.07 16.29
C ALA E 115 -4.86 -19.41 15.97
N LEU E 116 -5.53 -19.97 16.97
CA LEU E 116 -6.26 -21.22 16.83
C LEU E 116 -7.42 -20.89 15.87
N ALA E 117 -7.59 -21.71 14.85
CA ALA E 117 -8.64 -21.46 13.87
C ALA E 117 -10.04 -21.43 14.44
N PHE E 118 -10.81 -20.41 14.07
CA PHE E 118 -12.21 -20.30 14.49
C PHE E 118 -12.91 -20.41 13.15
N GLU E 119 -13.38 -21.62 12.85
CA GLU E 119 -14.03 -21.87 11.57
C GLU E 119 -15.54 -21.84 11.57
N ARG E 120 -16.10 -22.08 10.38
CA ARG E 120 -17.53 -22.10 10.16
C ARG E 120 -18.16 -23.13 11.08
N THR E 121 -17.50 -24.27 11.20
CA THR E 121 -18.01 -25.34 12.05
C THR E 121 -18.09 -24.87 13.50
N ASP E 122 -17.14 -24.02 13.88
CA ASP E 122 -17.09 -23.47 15.25
C ASP E 122 -18.18 -22.43 15.41
N PHE E 123 -18.30 -21.58 14.41
CA PHE E 123 -19.30 -20.54 14.42
C PHE E 123 -20.70 -21.16 14.49
N ASP E 124 -20.93 -22.22 13.72
CA ASP E 124 -22.22 -22.90 13.71
C ASP E 124 -22.56 -23.41 15.11
N GLN E 125 -21.61 -24.09 15.72
CA GLN E 125 -21.77 -24.62 17.08
C GLN E 125 -22.17 -23.48 18.03
N VAL E 126 -21.31 -22.47 18.12
CA VAL E 126 -21.56 -21.33 18.99
C VAL E 126 -22.95 -20.76 18.70
N ARG E 127 -23.17 -20.41 17.43
CA ARG E 127 -24.45 -19.86 16.99
C ARG E 127 -25.60 -20.71 17.51
N SER E 128 -25.46 -22.02 17.42
CA SER E 128 -26.50 -22.92 17.89
C SER E 128 -26.66 -22.79 19.40
N LEU E 129 -25.57 -22.99 20.13
CA LEU E 129 -25.56 -22.89 21.58
C LEU E 129 -26.15 -21.59 22.11
N MET E 130 -25.86 -20.48 21.44
CA MET E 130 -26.31 -19.17 21.89
C MET E 130 -27.41 -18.48 21.10
N GLU E 131 -27.79 -19.08 19.97
CA GLU E 131 -28.82 -18.50 19.11
C GLU E 131 -30.05 -17.97 19.84
N ASN E 132 -30.60 -18.78 20.73
CA ASN E 132 -31.80 -18.41 21.46
C ASN E 132 -31.62 -17.73 22.80
N SER E 133 -30.39 -17.35 23.13
CA SER E 133 -30.15 -16.68 24.40
C SER E 133 -30.73 -15.28 24.33
N ASP E 134 -31.21 -14.79 25.47
CA ASP E 134 -31.78 -13.45 25.54
C ASP E 134 -30.82 -12.54 26.27
N ARG E 135 -29.74 -13.13 26.79
CA ARG E 135 -28.74 -12.40 27.53
C ARG E 135 -28.03 -11.39 26.64
N CYS E 136 -28.20 -10.12 26.96
CA CYS E 136 -27.60 -9.02 26.22
C CYS E 136 -26.15 -9.30 25.81
N GLN E 137 -25.28 -9.53 26.78
CA GLN E 137 -23.88 -9.78 26.48
C GLN E 137 -23.70 -10.94 25.50
N ASP E 138 -24.62 -11.89 25.52
CA ASP E 138 -24.55 -13.04 24.63
C ASP E 138 -24.87 -12.58 23.21
N ILE E 139 -25.91 -11.77 23.10
CA ILE E 139 -26.33 -11.22 21.82
C ILE E 139 -25.15 -10.44 21.22
N ARG E 140 -24.47 -9.66 22.06
CA ARG E 140 -23.33 -8.87 21.60
C ARG E 140 -22.22 -9.77 21.08
N ASN E 141 -21.84 -10.76 21.88
CA ASN E 141 -20.78 -11.69 21.54
C ASN E 141 -21.02 -12.57 20.32
N LEU E 142 -22.28 -12.80 19.97
CA LEU E 142 -22.58 -13.61 18.79
C LEU E 142 -22.41 -12.72 17.57
N ALA E 143 -22.92 -11.50 17.67
CA ALA E 143 -22.82 -10.52 16.58
C ALA E 143 -21.35 -10.27 16.29
N PHE E 144 -20.56 -10.12 17.35
CA PHE E 144 -19.12 -9.88 17.22
C PHE E 144 -18.49 -11.05 16.46
N LEU E 145 -18.70 -12.26 16.97
CA LEU E 145 -18.16 -13.45 16.33
C LEU E 145 -18.63 -13.57 14.88
N GLY E 146 -19.78 -12.98 14.58
CA GLY E 146 -20.29 -13.05 13.22
C GLY E 146 -19.52 -12.10 12.33
N ILE E 147 -19.45 -10.85 12.75
CA ILE E 147 -18.73 -9.81 12.02
C ILE E 147 -17.27 -10.19 11.85
N ALA E 148 -16.65 -10.64 12.93
CA ALA E 148 -15.25 -11.03 12.90
C ALA E 148 -14.93 -12.16 11.92
N TYR E 149 -15.79 -13.17 11.86
CA TYR E 149 -15.56 -14.31 10.96
C TYR E 149 -15.99 -13.98 9.54
N ASN E 150 -17.00 -13.14 9.43
CA ASN E 150 -17.55 -12.74 8.14
C ASN E 150 -16.66 -11.73 7.42
N THR E 151 -16.17 -10.73 8.15
CA THR E 151 -15.35 -9.68 7.57
C THR E 151 -13.85 -9.90 7.61
N LEU E 152 -13.39 -10.76 8.50
CA LEU E 152 -11.95 -11.01 8.61
C LEU E 152 -11.21 -9.77 9.12
N LEU E 153 -11.95 -8.81 9.66
CA LEU E 153 -11.34 -7.59 10.20
C LEU E 153 -10.48 -7.88 11.43
N ARG E 154 -9.56 -6.97 11.74
CA ARG E 154 -8.70 -7.14 12.89
C ARG E 154 -9.42 -6.57 14.11
N ILE E 155 -8.99 -6.92 15.32
CA ILE E 155 -9.70 -6.44 16.51
C ILE E 155 -9.71 -4.94 16.69
N ALA E 156 -8.59 -4.28 16.42
CA ALA E 156 -8.55 -2.84 16.59
C ALA E 156 -9.52 -2.19 15.61
N GLU E 157 -9.78 -2.89 14.51
CA GLU E 157 -10.69 -2.41 13.47
C GLU E 157 -12.15 -2.58 13.86
N ILE E 158 -12.50 -3.72 14.45
CA ILE E 158 -13.89 -3.93 14.88
C ILE E 158 -14.21 -2.97 16.02
N ALA E 159 -13.17 -2.63 16.78
CA ALA E 159 -13.32 -1.73 17.90
C ALA E 159 -13.72 -0.33 17.46
N ARG E 160 -13.15 0.13 16.35
CA ARG E 160 -13.40 1.47 15.84
C ARG E 160 -14.68 1.66 15.03
N ILE E 161 -15.37 0.57 14.73
CA ILE E 161 -16.60 0.65 13.97
C ILE E 161 -17.73 1.44 14.66
N ARG E 162 -18.18 2.54 14.08
CA ARG E 162 -19.29 3.29 14.69
C ARG E 162 -20.57 2.90 13.97
N VAL E 163 -21.71 3.34 14.50
CA VAL E 163 -22.99 3.00 13.90
C VAL E 163 -23.19 3.65 12.54
N LYS E 164 -22.68 4.87 12.39
CA LYS E 164 -22.81 5.64 11.17
C LYS E 164 -22.08 5.02 9.99
N ASP E 165 -21.34 3.94 10.23
CA ASP E 165 -20.61 3.28 9.14
C ASP E 165 -21.41 2.14 8.54
N ILE E 166 -22.49 1.78 9.21
CA ILE E 166 -23.32 0.67 8.75
C ILE E 166 -24.39 1.15 7.78
N SER E 167 -24.23 0.75 6.53
CA SER E 167 -25.15 1.09 5.46
C SER E 167 -25.89 -0.19 5.10
N ARG E 168 -26.99 -0.04 4.37
CA ARG E 168 -27.75 -1.20 3.96
C ARG E 168 -27.49 -1.42 2.48
N THR E 169 -27.06 -2.62 2.13
CA THR E 169 -26.76 -2.96 0.76
C THR E 169 -27.90 -3.83 0.24
N ASP E 170 -27.75 -4.37 -0.96
CA ASP E 170 -28.80 -5.19 -1.55
C ASP E 170 -29.25 -6.38 -0.70
N GLY E 171 -30.55 -6.63 -0.73
CA GLY E 171 -31.11 -7.73 0.03
C GLY E 171 -31.35 -7.36 1.47
N GLY E 172 -30.87 -6.18 1.85
CA GLY E 172 -31.04 -5.72 3.22
C GLY E 172 -29.83 -6.05 4.06
N ARG E 173 -28.91 -6.80 3.49
CA ARG E 173 -27.69 -7.17 4.18
C ARG E 173 -27.04 -5.87 4.63
N MET E 174 -26.14 -5.97 5.59
CA MET E 174 -25.48 -4.77 6.09
C MET E 174 -24.13 -4.59 5.44
N LEU E 175 -23.71 -3.33 5.34
CA LEU E 175 -22.45 -2.96 4.74
C LEU E 175 -21.77 -2.08 5.75
N ILE E 176 -20.48 -2.32 5.98
CA ILE E 176 -19.74 -1.54 6.95
C ILE E 176 -18.55 -0.84 6.30
N HIS E 177 -18.61 0.48 6.21
CA HIS E 177 -17.50 1.22 5.64
C HIS E 177 -16.42 1.20 6.71
N ILE E 178 -15.28 0.59 6.39
CA ILE E 178 -14.20 0.50 7.34
C ILE E 178 -12.86 0.86 6.72
N GLY E 179 -11.86 1.12 7.56
CA GLY E 179 -10.54 1.45 7.09
C GLY E 179 -9.52 0.42 7.58
N ARG E 180 -8.93 -0.36 6.66
CA ARG E 180 -7.95 -1.38 7.05
C ARG E 180 -6.54 -1.18 6.49
N THR E 181 -6.20 0.03 6.07
CA THR E 181 -4.85 0.31 5.55
C THR E 181 -4.21 1.47 6.31
N LYS E 182 -2.89 1.50 6.32
CA LYS E 182 -2.17 2.55 7.04
C LYS E 182 -0.93 3.03 6.28
N THR E 183 -0.97 2.92 4.96
CA THR E 183 0.14 3.35 4.13
C THR E 183 -0.37 4.33 3.07
N LEU E 184 0.50 5.23 2.64
CA LEU E 184 0.15 6.23 1.65
C LEU E 184 -0.38 5.59 0.38
N VAL E 185 0.38 4.65 -0.18
CA VAL E 185 -0.03 3.98 -1.39
C VAL E 185 -0.83 2.75 -1.01
N SER E 186 -2.13 2.95 -0.79
CA SER E 186 -3.03 1.88 -0.40
C SER E 186 -4.46 2.36 -0.52
N THR E 187 -5.41 1.48 -0.23
CA THR E 187 -6.82 1.84 -0.31
C THR E 187 -7.29 2.49 0.99
N ALA E 188 -7.76 3.73 0.89
CA ALA E 188 -8.23 4.49 2.06
C ALA E 188 -9.27 3.74 2.89
N GLY E 189 -10.13 2.98 2.22
CA GLY E 189 -11.14 2.24 2.94
C GLY E 189 -11.79 1.17 2.10
N VAL E 190 -12.56 0.30 2.74
CA VAL E 190 -13.24 -0.77 2.04
C VAL E 190 -14.64 -0.89 2.64
N GLU E 191 -15.50 -1.63 1.97
CA GLU E 191 -16.86 -1.83 2.45
C GLU E 191 -17.04 -3.31 2.67
N LYS E 192 -17.44 -3.68 3.89
CA LYS E 192 -17.65 -5.09 4.22
C LYS E 192 -19.14 -5.43 4.28
N ALA E 193 -19.51 -6.49 3.55
CA ALA E 193 -20.88 -6.94 3.49
C ALA E 193 -21.09 -8.11 4.45
N LEU E 194 -22.28 -8.18 5.05
CA LEU E 194 -22.59 -9.25 5.98
C LEU E 194 -23.73 -10.10 5.43
N SER E 195 -23.64 -11.42 5.62
CA SER E 195 -24.68 -12.31 5.15
C SER E 195 -26.01 -11.90 5.77
N LEU E 196 -27.07 -12.58 5.36
CA LEU E 196 -28.39 -12.27 5.88
C LEU E 196 -28.47 -12.59 7.37
N GLY E 197 -27.93 -13.76 7.71
CA GLY E 197 -27.92 -14.21 9.08
C GLY E 197 -27.11 -13.31 9.99
N VAL E 198 -25.84 -13.10 9.66
CA VAL E 198 -24.97 -12.27 10.49
C VAL E 198 -25.52 -10.86 10.66
N THR E 199 -26.20 -10.38 9.63
CA THR E 199 -26.77 -9.03 9.70
C THR E 199 -27.90 -9.06 10.71
N LYS E 200 -28.59 -10.20 10.78
CA LYS E 200 -29.69 -10.37 11.72
C LYS E 200 -29.10 -10.39 13.12
N LEU E 201 -28.00 -11.12 13.30
CA LEU E 201 -27.32 -11.19 14.59
C LEU E 201 -26.95 -9.81 15.11
N VAL E 202 -26.35 -8.99 14.25
CA VAL E 202 -25.95 -7.63 14.62
C VAL E 202 -27.18 -6.77 14.84
N GLU E 203 -28.22 -7.06 14.08
CA GLU E 203 -29.47 -6.31 14.16
C GLU E 203 -30.03 -6.44 15.58
N ARG E 204 -29.98 -7.65 16.12
CA ARG E 204 -30.47 -7.92 17.46
C ARG E 204 -29.61 -7.22 18.51
N TRP E 205 -28.30 -7.28 18.34
CA TRP E 205 -27.39 -6.64 19.27
C TRP E 205 -27.71 -5.13 19.38
N ILE E 206 -27.74 -4.44 18.25
CA ILE E 206 -28.03 -3.01 18.28
C ILE E 206 -29.39 -2.71 18.87
N SER E 207 -30.36 -3.59 18.61
CA SER E 207 -31.72 -3.41 19.12
C SER E 207 -31.79 -3.57 20.63
N VAL E 208 -30.93 -4.44 21.15
CA VAL E 208 -30.87 -4.72 22.57
C VAL E 208 -29.74 -3.95 23.26
N SER E 209 -29.11 -3.02 22.53
CA SER E 209 -28.00 -2.26 23.12
C SER E 209 -28.31 -0.78 23.15
N GLY E 210 -28.91 -0.29 22.08
CA GLY E 210 -29.25 1.12 21.97
C GLY E 210 -28.09 1.94 21.42
N VAL E 211 -27.11 1.25 20.86
CA VAL E 211 -25.95 1.93 20.30
C VAL E 211 -26.38 2.84 19.15
N ALA E 212 -27.55 2.55 18.59
CA ALA E 212 -28.09 3.31 17.46
C ALA E 212 -28.70 4.67 17.82
N ASP E 213 -29.02 4.88 19.09
CA ASP E 213 -29.61 6.16 19.49
C ASP E 213 -28.75 7.32 19.00
N ASP E 214 -27.46 7.06 18.81
CA ASP E 214 -26.51 8.07 18.33
C ASP E 214 -25.58 7.41 17.33
N PRO E 215 -25.66 7.83 16.05
CA PRO E 215 -24.80 7.28 14.99
C PRO E 215 -23.32 7.25 15.33
N ASN E 216 -22.86 8.21 16.11
CA ASN E 216 -21.44 8.29 16.49
C ASN E 216 -21.04 7.26 17.55
N ASN E 217 -22.00 6.46 17.99
CA ASN E 217 -21.74 5.43 18.99
C ASN E 217 -21.03 4.26 18.31
N TYR E 218 -20.03 3.69 18.96
CA TYR E 218 -19.33 2.55 18.39
C TYR E 218 -20.29 1.36 18.40
N LEU E 219 -20.19 0.51 17.38
CA LEU E 219 -21.07 -0.66 17.28
C LEU E 219 -21.07 -1.43 18.58
N PHE E 220 -19.87 -1.79 19.02
CA PHE E 220 -19.73 -2.58 20.22
C PHE E 220 -19.41 -1.74 21.44
N CYS E 221 -19.99 -2.14 22.58
CA CYS E 221 -19.79 -1.45 23.83
C CYS E 221 -19.78 -2.39 25.02
N ARG E 222 -19.62 -1.77 26.19
CA ARG E 222 -19.58 -2.45 27.47
C ARG E 222 -20.99 -2.92 27.87
N VAL E 223 -21.05 -4.07 28.53
CA VAL E 223 -22.31 -4.60 29.03
C VAL E 223 -21.95 -5.02 30.44
N ARG E 224 -22.50 -4.33 31.44
CA ARG E 224 -22.19 -4.64 32.84
C ARG E 224 -22.79 -5.94 33.36
N LYS E 225 -22.43 -6.30 34.58
CA LYS E 225 -22.92 -7.54 35.16
C LYS E 225 -24.45 -7.65 35.20
N ASN E 226 -25.15 -6.53 35.10
CA ASN E 226 -26.61 -6.55 35.12
C ASN E 226 -27.18 -6.85 33.75
N GLY E 227 -26.31 -7.02 32.76
CA GLY E 227 -26.75 -7.31 31.41
C GLY E 227 -27.32 -6.06 30.78
N VAL E 228 -26.70 -4.93 31.09
CA VAL E 228 -27.13 -3.65 30.55
C VAL E 228 -26.01 -2.97 29.78
N ALA E 229 -26.20 -2.86 28.47
CA ALA E 229 -25.23 -2.24 27.57
C ALA E 229 -24.91 -0.81 27.98
N ALA E 230 -23.76 -0.33 27.55
CA ALA E 230 -23.32 1.03 27.86
C ALA E 230 -22.74 1.76 26.64
N PRO E 231 -23.61 2.12 25.67
CA PRO E 231 -23.19 2.83 24.46
C PRO E 231 -22.34 4.07 24.71
N SER E 232 -21.55 4.45 23.71
CA SER E 232 -20.68 5.62 23.80
C SER E 232 -20.04 5.92 22.46
N ALA E 233 -19.82 7.21 22.21
CA ALA E 233 -19.20 7.66 20.97
C ALA E 233 -17.77 8.10 21.21
N THR E 234 -17.39 8.19 22.48
CA THR E 234 -16.04 8.61 22.84
C THR E 234 -15.10 7.49 23.26
N SER E 235 -15.63 6.49 23.95
CA SER E 235 -14.78 5.37 24.37
C SER E 235 -15.23 4.09 23.70
N GLN E 236 -14.26 3.31 23.21
CA GLN E 236 -14.60 2.07 22.55
C GLN E 236 -14.17 0.85 23.34
N LEU E 237 -14.72 -0.30 22.99
CA LEU E 237 -14.38 -1.54 23.66
C LEU E 237 -12.89 -1.80 23.42
N SER E 238 -12.13 -2.04 24.48
CA SER E 238 -10.72 -2.32 24.34
C SER E 238 -10.55 -3.58 23.49
N THR E 239 -9.37 -3.78 22.93
CA THR E 239 -9.14 -4.96 22.11
C THR E 239 -8.95 -6.15 23.02
N ARG E 240 -8.61 -5.88 24.28
CA ARG E 240 -8.41 -6.95 25.23
C ARG E 240 -9.75 -7.60 25.51
N ALA E 241 -10.79 -6.77 25.53
CA ALA E 241 -12.12 -7.29 25.79
C ALA E 241 -12.55 -8.15 24.60
N LEU E 242 -12.31 -7.64 23.40
CA LEU E 242 -12.67 -8.38 22.19
C LEU E 242 -11.96 -9.71 22.21
N GLU E 243 -10.74 -9.71 22.75
CA GLU E 243 -9.97 -10.95 22.84
C GLU E 243 -10.67 -11.82 23.89
N GLY E 244 -11.19 -11.16 24.93
CA GLY E 244 -11.90 -11.85 25.98
C GLY E 244 -13.10 -12.62 25.47
N ILE E 245 -13.86 -12.01 24.56
CA ILE E 245 -15.04 -12.66 23.99
C ILE E 245 -14.65 -13.97 23.32
N PHE E 246 -13.46 -14.00 22.73
CA PHE E 246 -12.97 -15.20 22.05
C PHE E 246 -12.57 -16.29 23.03
N GLU E 247 -11.82 -15.92 24.06
CA GLU E 247 -11.37 -16.89 25.06
C GLU E 247 -12.58 -17.42 25.81
N ALA E 248 -13.41 -16.50 26.30
CA ALA E 248 -14.63 -16.84 27.01
C ALA E 248 -15.46 -17.81 26.18
N THR E 249 -15.63 -17.49 24.90
CA THR E 249 -16.41 -18.35 24.01
C THR E 249 -15.76 -19.73 23.91
N HIS E 250 -14.43 -19.79 23.99
CA HIS E 250 -13.77 -21.08 23.90
C HIS E 250 -14.01 -21.88 25.16
N ARG E 251 -14.06 -21.19 26.31
CA ARG E 251 -14.30 -21.86 27.59
C ARG E 251 -15.70 -22.44 27.57
N LEU E 252 -16.65 -21.64 27.10
CA LEU E 252 -18.04 -22.07 27.01
C LEU E 252 -18.12 -23.48 26.44
N ILE E 253 -17.34 -23.73 25.39
CA ILE E 253 -17.34 -25.03 24.72
C ILE E 253 -16.32 -26.06 25.21
N TYR E 254 -15.14 -25.59 25.62
CA TYR E 254 -14.09 -26.50 26.05
C TYR E 254 -13.69 -26.39 27.51
N GLY E 255 -14.37 -25.55 28.27
CA GLY E 255 -14.01 -25.39 29.67
C GLY E 255 -12.62 -24.81 29.86
N ALA E 256 -12.17 -24.68 31.11
CA ALA E 256 -10.85 -24.14 31.40
C ALA E 256 -9.77 -24.47 30.37
N LYS E 257 -8.79 -23.57 30.27
CA LYS E 257 -7.70 -23.72 29.31
C LYS E 257 -6.91 -24.98 29.50
N ASP E 258 -6.19 -25.37 28.45
CA ASP E 258 -5.38 -26.58 28.45
C ASP E 258 -4.12 -26.39 29.29
N ASP E 259 -4.23 -25.57 30.33
CA ASP E 259 -3.12 -25.30 31.23
C ASP E 259 -1.91 -24.86 30.43
N SER E 260 -0.75 -25.45 30.74
CA SER E 260 0.50 -25.12 30.04
C SER E 260 0.74 -23.62 29.99
N GLY E 261 1.92 -23.23 29.55
CA GLY E 261 2.21 -21.81 29.44
C GLY E 261 1.96 -21.36 28.01
N GLN E 262 1.78 -22.36 27.15
CA GLN E 262 1.56 -22.16 25.72
C GLN E 262 0.57 -21.07 25.30
N ARG E 263 0.79 -20.55 24.10
CA ARG E 263 -0.05 -19.51 23.52
C ARG E 263 -1.00 -20.15 22.52
N TYR E 264 -2.13 -19.50 22.28
CA TYR E 264 -3.12 -19.98 21.33
C TYR E 264 -3.77 -21.31 21.71
N LEU E 265 -4.00 -21.51 23.00
CA LEU E 265 -4.63 -22.73 23.50
C LEU E 265 -6.14 -22.58 23.38
N ALA E 266 -6.60 -21.35 23.26
CA ALA E 266 -8.01 -21.03 23.11
C ALA E 266 -8.05 -19.99 22.00
N TRP E 267 -9.23 -19.50 21.64
CA TRP E 267 -9.33 -18.53 20.58
C TRP E 267 -8.81 -17.14 20.96
N SER E 268 -8.26 -16.41 20.00
CA SER E 268 -7.78 -15.05 20.22
C SER E 268 -8.32 -14.15 19.12
N GLY E 269 -7.85 -12.91 19.10
CA GLY E 269 -8.33 -11.96 18.12
C GLY E 269 -8.12 -12.27 16.65
N HIS E 270 -7.14 -13.11 16.34
CA HIS E 270 -6.89 -13.43 14.94
C HIS E 270 -7.43 -14.78 14.49
N SER E 271 -8.18 -15.42 15.39
CA SER E 271 -8.74 -16.75 15.13
C SER E 271 -9.74 -16.84 13.98
N ALA E 272 -10.50 -15.79 13.78
CA ALA E 272 -11.49 -15.77 12.71
C ALA E 272 -10.82 -15.56 11.36
N ARG E 273 -9.71 -14.80 11.36
CA ARG E 273 -8.96 -14.57 10.14
C ARG E 273 -8.43 -15.90 9.63
N VAL E 274 -7.76 -16.63 10.53
CA VAL E 274 -7.19 -17.93 10.20
C VAL E 274 -8.29 -18.91 9.78
N GLY E 275 -9.44 -18.85 10.43
CA GLY E 275 -10.53 -19.74 10.10
C GLY E 275 -11.21 -19.40 8.79
N ALA E 276 -11.59 -18.14 8.62
CA ALA E 276 -12.25 -17.72 7.39
C ALA E 276 -11.35 -18.02 6.19
N ALA E 277 -10.07 -17.74 6.35
CA ALA E 277 -9.07 -17.97 5.31
C ALA E 277 -8.99 -19.43 4.89
N ARG E 278 -9.16 -20.33 5.86
CA ARG E 278 -9.08 -21.75 5.57
C ARG E 278 -10.36 -22.34 4.98
N ASP E 279 -11.50 -21.76 5.35
CA ASP E 279 -12.77 -22.23 4.84
C ASP E 279 -12.86 -21.75 3.39
N MET E 280 -12.38 -20.54 3.14
CA MET E 280 -12.39 -19.96 1.82
C MET E 280 -11.55 -20.85 0.91
N ALA E 281 -10.40 -21.28 1.42
CA ALA E 281 -9.52 -22.15 0.65
C ALA E 281 -10.19 -23.51 0.47
N ARG E 282 -10.84 -23.99 1.52
CA ARG E 282 -11.50 -25.28 1.45
C ARG E 282 -12.63 -25.24 0.42
N ALA E 283 -13.31 -24.10 0.33
CA ALA E 283 -14.41 -23.92 -0.60
C ALA E 283 -13.91 -23.64 -2.02
N GLY E 284 -12.59 -23.50 -2.17
CA GLY E 284 -12.01 -23.25 -3.47
C GLY E 284 -12.17 -21.82 -3.97
N VAL E 285 -12.15 -20.85 -3.05
CA VAL E 285 -12.28 -19.45 -3.45
C VAL E 285 -10.98 -18.99 -4.09
N SER E 286 -11.08 -18.15 -5.12
CA SER E 286 -9.92 -17.65 -5.84
C SER E 286 -8.91 -17.04 -4.89
N ILE E 287 -7.70 -17.58 -4.89
CA ILE E 287 -6.64 -17.08 -4.01
C ILE E 287 -6.65 -15.56 -3.84
N PRO E 288 -6.79 -14.78 -4.93
CA PRO E 288 -6.78 -13.33 -4.74
C PRO E 288 -8.02 -12.88 -3.94
N GLU E 289 -9.16 -13.49 -4.26
CA GLU E 289 -10.42 -13.19 -3.60
C GLU E 289 -10.29 -13.41 -2.09
N ILE E 290 -9.36 -14.28 -1.72
CA ILE E 290 -9.07 -14.60 -0.34
C ILE E 290 -8.23 -13.47 0.25
N MET E 291 -7.38 -12.90 -0.59
CA MET E 291 -6.52 -11.80 -0.21
C MET E 291 -7.39 -10.57 0.04
N GLN E 292 -8.41 -10.38 -0.79
CA GLN E 292 -9.32 -9.25 -0.64
C GLN E 292 -10.01 -9.33 0.71
N ALA E 293 -10.45 -10.55 1.06
CA ALA E 293 -11.13 -10.82 2.31
C ALA E 293 -10.32 -10.27 3.49
N GLY E 294 -9.07 -10.69 3.61
CA GLY E 294 -8.23 -10.23 4.70
C GLY E 294 -7.41 -8.97 4.45
N GLY E 295 -7.38 -8.49 3.22
CA GLY E 295 -6.60 -7.30 2.94
C GLY E 295 -5.13 -7.58 2.73
N TRP E 296 -4.80 -8.78 2.24
CA TRP E 296 -3.41 -9.15 1.98
C TRP E 296 -3.03 -8.79 0.53
N THR E 297 -1.82 -8.30 0.32
CA THR E 297 -1.37 -7.95 -1.03
C THR E 297 -0.41 -9.01 -1.52
N ASN E 298 -0.23 -10.05 -0.72
CA ASN E 298 0.62 -11.17 -1.07
C ASN E 298 0.07 -12.39 -0.35
N VAL E 299 0.54 -13.57 -0.72
CA VAL E 299 0.02 -14.80 -0.12
C VAL E 299 0.84 -15.42 1.00
N ASN E 300 1.77 -14.66 1.57
CA ASN E 300 2.62 -15.16 2.64
C ASN E 300 1.86 -15.63 3.88
N ILE E 301 0.98 -14.77 4.40
CA ILE E 301 0.22 -15.13 5.59
C ILE E 301 -0.82 -16.21 5.29
N VAL E 302 -1.64 -16.00 4.27
CA VAL E 302 -2.66 -16.96 3.89
C VAL E 302 -2.09 -18.36 3.65
N MET E 303 -0.83 -18.43 3.22
CA MET E 303 -0.18 -19.71 2.95
C MET E 303 0.20 -20.42 4.24
N ASN E 304 0.25 -19.67 5.34
CA ASN E 304 0.59 -20.21 6.66
C ASN E 304 -0.67 -20.70 7.34
N TYR E 305 -1.77 -20.00 7.06
CA TYR E 305 -3.06 -20.33 7.64
C TYR E 305 -3.64 -21.60 7.00
N ILE E 306 -3.23 -21.89 5.78
CA ILE E 306 -3.74 -23.06 5.08
C ILE E 306 -2.66 -24.08 4.72
N ARG E 307 -1.48 -23.93 5.33
CA ARG E 307 -0.34 -24.81 5.05
C ARG E 307 -0.63 -26.29 5.19
N ASN E 308 -1.55 -26.65 6.08
CA ASN E 308 -1.88 -28.06 6.32
C ASN E 308 -3.12 -28.56 5.57
N LEU E 309 -3.69 -27.71 4.73
CA LEU E 309 -4.86 -28.09 3.95
C LEU E 309 -4.42 -29.07 2.86
N ASP E 310 -5.24 -30.08 2.60
CA ASP E 310 -4.94 -31.09 1.59
C ASP E 310 -4.82 -30.46 0.22
N SER E 311 -5.49 -29.34 0.03
CA SER E 311 -5.47 -28.63 -1.25
C SER E 311 -4.11 -27.97 -1.51
N GLU E 312 -3.25 -27.98 -0.50
CA GLU E 312 -1.92 -27.37 -0.62
C GLU E 312 -0.77 -28.35 -0.41
N THR E 313 -0.98 -29.62 -0.75
CA THR E 313 0.06 -30.64 -0.56
C THR E 313 1.19 -30.60 -1.57
N GLY E 314 0.95 -30.01 -2.74
CA GLY E 314 2.00 -29.90 -3.73
C GLY E 314 2.01 -30.85 -4.90
N ALA E 315 2.97 -30.60 -5.80
CA ALA E 315 3.14 -31.38 -7.01
C ALA E 315 3.54 -32.83 -6.74
N MET E 316 4.58 -33.02 -5.95
CA MET E 316 5.06 -34.36 -5.63
C MET E 316 3.95 -35.30 -5.19
N VAL E 317 3.06 -34.82 -4.34
CA VAL E 317 1.95 -35.65 -3.89
C VAL E 317 1.02 -35.89 -5.06
N ARG E 318 0.82 -34.84 -5.85
CA ARG E 318 -0.05 -34.91 -7.02
C ARG E 318 0.46 -35.94 -8.00
N LEU E 319 1.77 -35.94 -8.23
CA LEU E 319 2.42 -36.88 -9.14
C LEU E 319 2.30 -38.32 -8.63
N LEU E 320 2.76 -38.53 -7.40
CA LEU E 320 2.74 -39.85 -6.79
C LEU E 320 1.37 -40.47 -6.74
N GLU E 321 0.34 -39.64 -6.58
CA GLU E 321 -1.02 -40.15 -6.53
C GLU E 321 -1.64 -40.20 -7.93
N ASP E 322 -0.85 -39.79 -8.92
CA ASP E 322 -1.28 -39.75 -10.32
C ASP E 322 -2.41 -38.76 -10.55
N SER F 1 34.08 26.09 -0.41
CA SER F 1 34.98 25.07 -0.92
C SER F 1 35.04 25.16 -2.42
N ASP F 2 36.06 24.54 -3.01
CA ASP F 2 36.20 24.57 -4.44
C ASP F 2 35.71 23.27 -5.08
N GLU F 3 35.80 22.17 -4.33
CA GLU F 3 35.35 20.89 -4.84
C GLU F 3 33.84 20.95 -5.06
N VAL F 4 33.12 21.50 -4.08
CA VAL F 4 31.68 21.60 -4.17
C VAL F 4 31.31 22.25 -5.49
N ARG F 5 31.89 23.41 -5.75
CA ARG F 5 31.62 24.13 -6.98
C ARG F 5 31.94 23.23 -8.16
N LYS F 6 32.99 22.44 -8.01
CA LYS F 6 33.43 21.55 -9.06
C LYS F 6 32.42 20.46 -9.36
N ASN F 7 31.90 19.83 -8.31
CA ASN F 7 30.94 18.76 -8.46
C ASN F 7 29.65 19.24 -9.11
N LEU F 8 29.22 20.44 -8.74
CA LEU F 8 28.02 21.00 -9.31
C LEU F 8 28.30 21.30 -10.78
N MET F 9 29.50 21.81 -11.05
CA MET F 9 29.89 22.14 -12.42
C MET F 9 29.85 20.87 -13.27
N ASP F 10 30.33 19.76 -12.70
CA ASP F 10 30.34 18.48 -13.38
C ASP F 10 28.92 18.05 -13.66
N MET F 11 28.08 18.14 -12.64
CA MET F 11 26.68 17.77 -12.76
C MET F 11 26.00 18.47 -13.93
N PHE F 12 26.16 19.79 -13.96
CA PHE F 12 25.57 20.60 -15.02
C PHE F 12 26.14 20.23 -16.39
N ARG F 13 27.45 20.06 -16.46
CA ARG F 13 28.09 19.70 -17.71
C ARG F 13 27.44 18.46 -18.33
N ASP F 14 27.22 17.43 -17.50
CA ASP F 14 26.60 16.19 -17.97
C ASP F 14 25.11 16.14 -17.59
N ARG F 15 24.42 17.25 -17.80
CA ARG F 15 23.00 17.38 -17.52
C ARG F 15 22.20 16.25 -18.13
N GLN F 16 22.57 15.89 -19.36
CA GLN F 16 21.90 14.83 -20.11
C GLN F 16 21.89 13.45 -19.47
N ALA F 17 22.68 13.25 -18.43
CA ALA F 17 22.70 11.97 -17.73
C ALA F 17 21.38 11.78 -17.01
N PHE F 18 20.73 12.91 -16.69
CA PHE F 18 19.46 12.92 -15.97
C PHE F 18 18.36 13.36 -16.90
N SER F 19 17.11 13.04 -16.55
CA SER F 19 15.97 13.42 -17.35
C SER F 19 15.73 14.93 -17.28
N GLU F 20 15.09 15.48 -18.29
CA GLU F 20 14.81 16.92 -18.32
C GLU F 20 13.88 17.26 -17.16
N HIS F 21 13.04 16.30 -16.79
CA HIS F 21 12.09 16.49 -15.71
C HIS F 21 12.76 16.54 -14.35
N THR F 22 13.77 15.70 -14.16
CA THR F 22 14.50 15.69 -12.91
C THR F 22 15.01 17.13 -12.69
N TRP F 23 15.70 17.69 -13.69
CA TRP F 23 16.21 19.06 -13.61
C TRP F 23 15.08 20.04 -13.35
N LYS F 24 13.96 19.81 -14.02
CA LYS F 24 12.79 20.67 -13.87
C LYS F 24 12.37 20.77 -12.42
N MET F 25 12.32 19.63 -11.73
CA MET F 25 11.89 19.62 -10.34
C MET F 25 12.99 20.10 -9.40
N LEU F 26 14.23 19.79 -9.75
CA LEU F 26 15.39 20.21 -8.96
C LEU F 26 15.34 21.71 -8.82
N LEU F 27 14.99 22.39 -9.91
CA LEU F 27 14.92 23.84 -9.92
C LEU F 27 13.64 24.38 -9.28
N SER F 28 12.53 23.64 -9.41
CA SER F 28 11.26 24.09 -8.83
C SER F 28 11.36 24.05 -7.32
N VAL F 29 11.96 22.99 -6.80
CA VAL F 29 12.13 22.86 -5.35
C VAL F 29 13.04 23.97 -4.85
N CYS F 30 14.23 24.09 -5.46
CA CYS F 30 15.20 25.12 -5.08
C CYS F 30 14.53 26.47 -5.09
N ARG F 31 13.50 26.60 -5.91
CA ARG F 31 12.76 27.86 -5.99
C ARG F 31 11.92 28.00 -4.72
N SER F 32 11.27 26.91 -4.33
CA SER F 32 10.43 26.89 -3.15
C SER F 32 11.27 27.14 -1.91
N TRP F 33 12.30 26.31 -1.76
CA TRP F 33 13.25 26.36 -0.65
C TRP F 33 13.93 27.71 -0.49
N ALA F 34 14.52 28.22 -1.57
CA ALA F 34 15.21 29.51 -1.52
C ALA F 34 14.28 30.67 -1.18
N ALA F 35 12.99 30.54 -1.48
CA ALA F 35 12.01 31.60 -1.18
C ALA F 35 11.67 31.57 0.30
N TRP F 36 11.63 30.36 0.85
CA TRP F 36 11.33 30.16 2.26
C TRP F 36 12.49 30.70 3.07
N CYS F 37 13.69 30.34 2.65
CA CYS F 37 14.89 30.80 3.33
C CYS F 37 14.92 32.32 3.36
N LYS F 38 14.78 32.93 2.18
CA LYS F 38 14.79 34.40 2.05
C LYS F 38 13.72 35.02 2.95
N LEU F 39 12.55 34.41 2.98
CA LEU F 39 11.45 34.90 3.79
C LEU F 39 11.72 34.68 5.28
N ASN F 40 12.72 33.85 5.59
CA ASN F 40 13.05 33.57 6.98
C ASN F 40 14.47 33.96 7.29
N ASN F 41 15.08 34.67 6.36
CA ASN F 41 16.44 35.14 6.53
C ASN F 41 17.43 34.02 6.85
N ARG F 42 17.44 32.97 6.01
CA ARG F 42 18.35 31.84 6.20
C ARG F 42 19.15 31.55 4.92
N LYS F 43 20.29 30.88 5.09
CA LYS F 43 21.14 30.50 3.97
C LYS F 43 20.51 29.29 3.29
N TRP F 44 20.18 29.39 2.00
CA TRP F 44 19.55 28.26 1.34
C TRP F 44 20.51 27.16 0.90
N PHE F 45 21.82 27.42 0.95
CA PHE F 45 22.78 26.38 0.55
C PHE F 45 24.22 26.64 1.03
N PRO F 46 24.83 25.67 1.73
CA PRO F 46 24.26 24.38 2.10
C PRO F 46 23.12 24.58 3.09
N ALA F 47 22.14 23.68 3.02
CA ALA F 47 21.00 23.75 3.89
C ALA F 47 21.34 23.21 5.26
N GLU F 48 20.74 23.80 6.28
CA GLU F 48 20.93 23.35 7.65
C GLU F 48 19.71 22.49 7.95
N PRO F 49 19.92 21.26 8.46
CA PRO F 49 18.84 20.32 8.79
C PRO F 49 17.67 20.93 9.53
N GLU F 50 17.97 21.70 10.57
CA GLU F 50 16.92 22.31 11.37
C GLU F 50 16.08 23.21 10.50
N ASP F 51 16.72 23.85 9.52
CA ASP F 51 16.03 24.72 8.59
C ASP F 51 15.18 23.89 7.65
N VAL F 52 15.74 22.81 7.13
CA VAL F 52 15.00 21.96 6.23
C VAL F 52 13.79 21.37 6.94
N ARG F 53 13.95 21.08 8.24
CA ARG F 53 12.85 20.54 9.02
C ARG F 53 11.68 21.52 9.08
N ASP F 54 11.96 22.78 9.38
CA ASP F 54 10.91 23.79 9.44
C ASP F 54 10.26 23.94 8.07
N TYR F 55 11.06 23.79 7.02
CA TYR F 55 10.58 23.91 5.65
C TYR F 55 9.54 22.83 5.41
N LEU F 56 9.92 21.59 5.65
CA LEU F 56 9.00 20.48 5.46
C LEU F 56 7.68 20.66 6.22
N LEU F 57 7.76 21.06 7.49
CA LEU F 57 6.54 21.27 8.27
C LEU F 57 5.75 22.42 7.67
N TYR F 58 6.46 23.33 7.02
CA TYR F 58 5.83 24.47 6.35
C TYR F 58 5.06 23.93 5.15
N LEU F 59 5.66 22.99 4.46
CA LEU F 59 5.04 22.36 3.29
C LEU F 59 3.82 21.57 3.73
N GLN F 60 3.97 20.75 4.76
CA GLN F 60 2.86 19.94 5.24
C GLN F 60 1.72 20.86 5.64
N ALA F 61 2.05 21.96 6.33
CA ALA F 61 1.03 22.91 6.75
C ALA F 61 0.39 23.69 5.58
N ARG F 62 1.07 23.73 4.44
CA ARG F 62 0.52 24.42 3.28
C ARG F 62 -0.50 23.49 2.62
N GLY F 63 -0.61 22.28 3.16
CA GLY F 63 -1.56 21.32 2.63
C GLY F 63 -1.09 20.47 1.47
N LEU F 64 0.22 20.31 1.31
CA LEU F 64 0.75 19.52 0.21
C LEU F 64 0.73 18.02 0.51
N ALA F 65 0.75 17.23 -0.55
CA ALA F 65 0.75 15.79 -0.40
C ALA F 65 2.06 15.34 0.20
N VAL F 66 2.09 14.13 0.75
CA VAL F 66 3.30 13.60 1.32
C VAL F 66 4.34 13.44 0.22
N LYS F 67 3.92 12.87 -0.91
CA LYS F 67 4.82 12.64 -2.03
C LYS F 67 5.44 13.93 -2.59
N THR F 68 4.70 15.03 -2.56
CA THR F 68 5.28 16.26 -3.04
C THR F 68 6.22 16.79 -1.97
N ILE F 69 5.90 16.55 -0.71
CA ILE F 69 6.79 16.99 0.37
C ILE F 69 8.07 16.15 0.36
N GLN F 70 7.95 14.86 0.02
CA GLN F 70 9.10 13.96 -0.06
C GLN F 70 9.93 14.33 -1.29
N GLN F 71 9.28 14.93 -2.27
CA GLN F 71 9.96 15.37 -3.49
C GLN F 71 10.89 16.53 -3.21
N HIS F 72 10.40 17.50 -2.44
CA HIS F 72 11.20 18.67 -2.08
C HIS F 72 12.41 18.25 -1.25
N LEU F 73 12.24 17.23 -0.42
CA LEU F 73 13.33 16.76 0.41
C LEU F 73 14.31 15.97 -0.44
N GLY F 74 13.77 15.28 -1.44
CA GLY F 74 14.62 14.47 -2.31
C GLY F 74 15.53 15.28 -3.20
N GLN F 75 15.04 16.41 -3.68
CA GLN F 75 15.83 17.28 -4.55
C GLN F 75 16.96 17.94 -3.73
N LEU F 76 16.67 18.27 -2.48
CA LEU F 76 17.65 18.89 -1.59
C LEU F 76 18.71 17.84 -1.31
N ASN F 77 18.27 16.59 -1.22
CA ASN F 77 19.19 15.49 -0.96
C ASN F 77 20.11 15.27 -2.14
N MET F 78 19.55 15.16 -3.34
CA MET F 78 20.37 14.94 -4.51
C MET F 78 21.36 16.08 -4.62
N LEU F 79 20.85 17.31 -4.61
CA LEU F 79 21.71 18.47 -4.70
C LEU F 79 22.88 18.37 -3.73
N HIS F 80 22.59 18.20 -2.46
CA HIS F 80 23.66 18.11 -1.47
C HIS F 80 24.60 16.94 -1.68
N ARG F 81 24.07 15.77 -1.98
CA ARG F 81 24.90 14.59 -2.20
C ARG F 81 25.78 14.71 -3.45
N ARG F 82 25.23 15.26 -4.51
CA ARG F 82 25.98 15.43 -5.76
C ARG F 82 27.08 16.47 -5.52
N SER F 83 26.84 17.34 -4.55
CA SER F 83 27.79 18.41 -4.21
C SER F 83 28.95 17.92 -3.36
N GLY F 84 28.83 16.70 -2.87
CA GLY F 84 29.87 16.16 -2.01
C GLY F 84 29.59 16.59 -0.58
N LEU F 85 28.42 17.19 -0.38
CA LEU F 85 27.99 17.65 0.93
C LEU F 85 27.03 16.64 1.57
N PRO F 86 26.82 16.75 2.88
CA PRO F 86 25.92 15.85 3.63
C PRO F 86 24.47 16.15 3.27
N ARG F 87 23.66 15.11 3.15
CA ARG F 87 22.25 15.25 2.80
C ARG F 87 21.42 15.61 4.02
N PRO F 88 20.43 16.49 3.85
CA PRO F 88 19.60 16.85 4.99
C PRO F 88 19.01 15.61 5.69
N SER F 89 18.63 14.60 4.91
CA SER F 89 18.05 13.38 5.45
C SER F 89 19.06 12.63 6.30
N ASP F 90 20.31 13.08 6.28
CA ASP F 90 21.36 12.44 7.05
C ASP F 90 21.21 12.78 8.53
N SER F 91 20.48 13.86 8.80
CA SER F 91 20.26 14.33 10.17
C SER F 91 18.99 13.78 10.79
N ASN F 92 19.05 13.55 12.09
CA ASN F 92 17.92 13.02 12.87
C ASN F 92 16.68 13.90 12.70
N ALA F 93 16.89 15.20 12.84
CA ALA F 93 15.81 16.15 12.74
C ALA F 93 15.00 15.98 11.47
N VAL F 94 15.69 15.92 10.33
CA VAL F 94 15.00 15.81 9.05
C VAL F 94 14.37 14.45 8.80
N SER F 95 15.06 13.38 9.17
CA SER F 95 14.51 12.04 8.96
C SER F 95 13.29 11.82 9.85
N LEU F 96 13.35 12.26 11.09
CA LEU F 96 12.23 12.07 12.00
C LEU F 96 11.00 12.85 11.56
N VAL F 97 11.18 14.11 11.23
CA VAL F 97 10.03 14.93 10.84
C VAL F 97 9.34 14.46 9.58
N MET F 98 10.10 13.86 8.67
CA MET F 98 9.53 13.35 7.42
C MET F 98 8.62 12.17 7.74
N ARG F 99 9.12 11.28 8.59
CA ARG F 99 8.39 10.10 9.01
C ARG F 99 7.15 10.56 9.73
N ARG F 100 7.30 11.62 10.51
CA ARG F 100 6.21 12.15 11.26
C ARG F 100 5.17 12.77 10.33
N ILE F 101 5.63 13.62 9.40
CA ILE F 101 4.74 14.25 8.44
C ILE F 101 3.94 13.20 7.70
N ARG F 102 4.62 12.18 7.18
CA ARG F 102 3.98 11.12 6.43
C ARG F 102 2.96 10.36 7.28
N LYS F 103 3.39 9.98 8.48
CA LYS F 103 2.55 9.25 9.43
C LYS F 103 1.23 9.99 9.71
N GLU F 104 1.35 11.24 10.14
CA GLU F 104 0.17 12.05 10.43
C GLU F 104 -0.77 12.20 9.26
N ASN F 105 -0.22 12.52 8.09
CA ASN F 105 -1.04 12.72 6.90
C ASN F 105 -1.76 11.45 6.54
N VAL F 106 -1.05 10.32 6.62
CA VAL F 106 -1.66 9.04 6.31
C VAL F 106 -2.71 8.68 7.35
N ASP F 107 -2.39 8.95 8.61
CA ASP F 107 -3.28 8.68 9.73
C ASP F 107 -4.61 9.40 9.53
N ALA F 108 -4.55 10.61 8.98
CA ALA F 108 -5.73 11.40 8.74
C ALA F 108 -6.41 11.00 7.43
N GLY F 109 -5.88 9.96 6.80
CA GLY F 109 -6.49 9.47 5.58
C GLY F 109 -5.89 9.75 4.21
N GLU F 110 -4.78 10.48 4.16
CA GLU F 110 -4.21 10.76 2.86
C GLU F 110 -3.76 9.50 2.18
N ARG F 111 -4.05 9.41 0.88
CA ARG F 111 -3.69 8.28 0.06
C ARG F 111 -3.24 8.83 -1.27
N ALA F 112 -2.18 8.26 -1.82
CA ALA F 112 -1.69 8.70 -3.12
C ALA F 112 -2.72 8.19 -4.13
N LYS F 113 -3.38 9.10 -4.84
CA LYS F 113 -4.39 8.71 -5.82
C LYS F 113 -3.80 8.06 -7.06
N GLN F 114 -4.67 7.78 -8.03
CA GLN F 114 -4.26 7.16 -9.28
C GLN F 114 -5.31 7.52 -10.34
N ALA F 115 -4.90 7.53 -11.60
CA ALA F 115 -5.77 7.91 -12.70
C ALA F 115 -7.09 7.17 -12.79
N LEU F 116 -8.13 7.90 -13.20
CA LEU F 116 -9.46 7.33 -13.40
C LEU F 116 -9.26 6.29 -14.49
N ALA F 117 -9.63 5.04 -14.22
CA ALA F 117 -9.45 3.97 -15.19
C ALA F 117 -10.24 4.10 -16.49
N PHE F 118 -9.58 3.72 -17.60
CA PHE F 118 -10.17 3.72 -18.94
C PHE F 118 -10.04 2.26 -19.30
N GLU F 119 -11.11 1.49 -19.10
CA GLU F 119 -11.09 0.06 -19.37
C GLU F 119 -11.65 -0.37 -20.73
N ARG F 120 -11.76 -1.69 -20.92
CA ARG F 120 -12.24 -2.26 -22.17
C ARG F 120 -13.58 -1.69 -22.64
N THR F 121 -14.50 -1.52 -21.71
CA THR F 121 -15.84 -1.02 -22.03
C THR F 121 -15.81 0.45 -22.45
N ASP F 122 -14.95 1.22 -21.80
CA ASP F 122 -14.83 2.63 -22.12
C ASP F 122 -14.28 2.78 -23.52
N PHE F 123 -13.42 1.85 -23.91
CA PHE F 123 -12.82 1.86 -25.22
C PHE F 123 -13.83 1.44 -26.29
N ASP F 124 -14.57 0.37 -26.01
CA ASP F 124 -15.60 -0.11 -26.94
C ASP F 124 -16.62 0.97 -27.19
N GLN F 125 -17.10 1.60 -26.12
CA GLN F 125 -18.10 2.64 -26.21
C GLN F 125 -17.59 3.85 -26.98
N VAL F 126 -16.32 4.20 -26.76
CA VAL F 126 -15.69 5.33 -27.42
C VAL F 126 -15.51 4.99 -28.89
N ARG F 127 -14.91 3.84 -29.16
CA ARG F 127 -14.72 3.42 -30.53
C ARG F 127 -16.06 3.39 -31.24
N SER F 128 -17.05 2.76 -30.61
CA SER F 128 -18.40 2.66 -31.16
C SER F 128 -18.96 4.01 -31.57
N LEU F 129 -18.51 5.07 -30.93
CA LEU F 129 -19.01 6.41 -31.23
C LEU F 129 -18.14 7.18 -32.21
N MET F 130 -16.84 7.17 -31.98
CA MET F 130 -15.90 7.88 -32.84
C MET F 130 -15.59 7.14 -34.14
N GLU F 131 -15.91 5.86 -34.16
CA GLU F 131 -15.71 4.95 -35.31
C GLU F 131 -16.19 5.49 -36.65
N ASN F 132 -17.29 6.22 -36.61
CA ASN F 132 -17.92 6.76 -37.80
C ASN F 132 -17.48 8.16 -38.20
N SER F 133 -16.64 8.79 -37.39
CA SER F 133 -16.20 10.12 -37.72
C SER F 133 -15.20 10.07 -38.84
N ASP F 134 -15.24 11.11 -39.68
CA ASP F 134 -14.33 11.23 -40.81
C ASP F 134 -13.30 12.27 -40.47
N ARG F 135 -13.59 13.09 -39.47
CA ARG F 135 -12.65 14.12 -39.04
C ARG F 135 -11.31 13.48 -38.78
N CYS F 136 -10.25 14.15 -39.21
CA CYS F 136 -8.90 13.66 -39.03
C CYS F 136 -8.59 13.60 -37.54
N GLN F 137 -9.09 14.57 -36.80
CA GLN F 137 -8.88 14.62 -35.38
C GLN F 137 -9.42 13.38 -34.71
N ASP F 138 -10.67 13.05 -35.01
CA ASP F 138 -11.30 11.86 -34.43
C ASP F 138 -10.59 10.58 -34.79
N ILE F 139 -10.18 10.47 -36.04
CA ILE F 139 -9.47 9.28 -36.47
C ILE F 139 -8.15 9.14 -35.73
N ARG F 140 -7.48 10.27 -35.44
CA ARG F 140 -6.20 10.26 -34.72
C ARG F 140 -6.42 9.85 -33.26
N ASN F 141 -7.40 10.50 -32.63
CA ASN F 141 -7.71 10.25 -31.24
C ASN F 141 -8.06 8.78 -31.00
N LEU F 142 -9.02 8.27 -31.76
CA LEU F 142 -9.41 6.88 -31.60
C LEU F 142 -8.20 5.96 -31.70
N ALA F 143 -7.32 6.23 -32.67
CA ALA F 143 -6.11 5.42 -32.85
C ALA F 143 -5.20 5.59 -31.64
N PHE F 144 -5.13 6.80 -31.11
CA PHE F 144 -4.29 7.07 -29.95
C PHE F 144 -4.82 6.26 -28.78
N LEU F 145 -6.10 6.47 -28.44
CA LEU F 145 -6.73 5.74 -27.35
C LEU F 145 -6.51 4.24 -27.52
N GLY F 146 -6.64 3.76 -28.75
CA GLY F 146 -6.46 2.35 -29.01
C GLY F 146 -5.07 1.84 -28.66
N ILE F 147 -4.04 2.60 -29.02
CA ILE F 147 -2.68 2.16 -28.72
C ILE F 147 -2.39 2.24 -27.21
N ALA F 148 -2.95 3.27 -26.57
CA ALA F 148 -2.77 3.49 -25.14
C ALA F 148 -3.28 2.30 -24.33
N TYR F 149 -4.46 1.84 -24.70
CA TYR F 149 -5.09 0.72 -24.02
C TYR F 149 -4.41 -0.60 -24.39
N ASN F 150 -4.14 -0.76 -25.68
CA ASN F 150 -3.52 -1.98 -26.19
C ASN F 150 -2.10 -2.22 -25.71
N THR F 151 -1.30 -1.16 -25.63
CA THR F 151 0.10 -1.28 -25.24
C THR F 151 0.44 -0.82 -23.83
N LEU F 152 -0.42 -0.02 -23.22
CA LEU F 152 -0.20 0.46 -21.86
C LEU F 152 0.99 1.42 -21.78
N LEU F 153 1.49 1.85 -22.95
CA LEU F 153 2.62 2.77 -22.97
C LEU F 153 2.26 4.09 -22.33
N ARG F 154 3.21 4.71 -21.64
CA ARG F 154 2.95 6.01 -21.02
C ARG F 154 2.89 7.04 -22.15
N ILE F 155 2.25 8.18 -21.91
CA ILE F 155 2.10 9.18 -22.96
C ILE F 155 3.39 9.75 -23.56
N ALA F 156 4.50 9.69 -22.83
CA ALA F 156 5.74 10.21 -23.35
C ALA F 156 6.35 9.21 -24.33
N GLU F 157 6.05 7.94 -24.15
CA GLU F 157 6.58 6.88 -25.01
C GLU F 157 5.74 6.73 -26.28
N ILE F 158 4.45 7.04 -26.17
CA ILE F 158 3.55 6.97 -27.30
C ILE F 158 3.94 8.13 -28.24
N ALA F 159 4.22 9.29 -27.63
CA ALA F 159 4.61 10.47 -28.38
C ALA F 159 6.01 10.41 -29.02
N ARG F 160 6.79 9.40 -28.66
CA ARG F 160 8.13 9.27 -29.23
C ARG F 160 8.12 8.27 -30.37
N ILE F 161 6.96 7.64 -30.59
CA ILE F 161 6.85 6.66 -31.67
C ILE F 161 7.06 7.30 -33.05
N ARG F 162 8.00 6.73 -33.80
CA ARG F 162 8.29 7.20 -35.15
C ARG F 162 7.72 6.17 -36.10
N VAL F 163 7.25 6.61 -37.26
CA VAL F 163 6.65 5.72 -38.24
C VAL F 163 7.55 4.53 -38.55
N LYS F 164 8.86 4.75 -38.51
CA LYS F 164 9.83 3.69 -38.81
C LYS F 164 9.87 2.62 -37.73
N ASP F 165 9.29 2.92 -36.57
CA ASP F 165 9.25 2.02 -35.42
C ASP F 165 8.16 0.96 -35.62
N ILE F 166 7.21 1.24 -36.52
CA ILE F 166 6.12 0.31 -36.80
C ILE F 166 6.51 -0.82 -37.76
N SER F 167 6.16 -2.04 -37.38
CA SER F 167 6.43 -3.23 -38.18
C SER F 167 5.10 -3.98 -38.27
N ARG F 168 5.15 -5.24 -38.63
CA ARG F 168 3.92 -6.01 -38.75
C ARG F 168 4.24 -7.49 -38.67
N THR F 169 3.27 -8.27 -38.21
CA THR F 169 3.44 -9.72 -38.11
C THR F 169 2.82 -10.27 -39.40
N ASP F 170 3.16 -11.50 -39.76
CA ASP F 170 2.59 -12.07 -40.98
C ASP F 170 1.08 -12.17 -40.79
N GLY F 171 0.65 -12.13 -39.53
CA GLY F 171 -0.75 -12.22 -39.23
C GLY F 171 -1.41 -10.92 -39.64
N GLY F 172 -0.59 -9.94 -39.98
CA GLY F 172 -1.12 -8.65 -40.39
C GLY F 172 -1.38 -7.76 -39.20
N ARG F 173 -0.68 -8.02 -38.09
CA ARG F 173 -0.83 -7.23 -36.88
C ARG F 173 0.34 -6.28 -36.73
N MET F 174 0.06 -5.04 -36.35
CA MET F 174 1.12 -4.05 -36.20
C MET F 174 1.99 -4.31 -34.98
N LEU F 175 3.27 -4.01 -35.11
CA LEU F 175 4.21 -4.18 -34.00
C LEU F 175 4.90 -2.84 -33.88
N ILE F 176 4.84 -2.24 -32.69
CA ILE F 176 5.51 -0.96 -32.50
C ILE F 176 6.74 -1.17 -31.64
N HIS F 177 7.89 -0.79 -32.16
CA HIS F 177 9.12 -0.94 -31.42
C HIS F 177 9.31 0.22 -30.46
N ILE F 178 9.61 -0.11 -29.20
CA ILE F 178 9.83 0.90 -28.18
C ILE F 178 11.22 0.73 -27.61
N GLY F 179 11.99 1.80 -27.59
CA GLY F 179 13.35 1.73 -27.08
C GLY F 179 13.49 2.22 -25.65
N ARG F 180 13.18 3.49 -25.44
CA ARG F 180 13.31 4.07 -24.12
C ARG F 180 11.97 4.41 -23.49
N THR F 181 11.80 4.00 -22.24
CA THR F 181 10.58 4.30 -21.50
C THR F 181 11.02 5.01 -20.24
N LYS F 182 10.07 5.26 -19.35
CA LYS F 182 10.35 5.92 -18.09
C LYS F 182 11.39 5.14 -17.29
N THR F 183 11.26 3.82 -17.35
CA THR F 183 12.12 2.91 -16.60
C THR F 183 13.12 2.08 -17.39
N LEU F 184 13.36 2.43 -18.65
CA LEU F 184 14.29 1.62 -19.45
C LEU F 184 15.03 2.32 -20.57
N VAL F 185 16.36 2.28 -20.49
CA VAL F 185 17.23 2.86 -21.49
C VAL F 185 18.00 1.69 -22.08
N SER F 186 17.42 1.03 -23.08
CA SER F 186 18.06 -0.13 -23.69
C SER F 186 17.97 -0.11 -25.22
N THR F 187 18.95 -0.74 -25.87
CA THR F 187 18.99 -0.82 -27.32
C THR F 187 18.26 -2.12 -27.68
N ALA F 188 18.06 -2.96 -26.67
CA ALA F 188 17.35 -4.22 -26.86
C ALA F 188 15.98 -3.86 -27.40
N GLY F 189 15.20 -3.16 -26.58
CA GLY F 189 13.87 -2.75 -27.00
C GLY F 189 12.85 -3.87 -26.98
N VAL F 190 11.58 -3.47 -26.95
CA VAL F 190 10.48 -4.41 -26.92
C VAL F 190 9.56 -4.15 -28.11
N GLU F 191 8.80 -5.16 -28.51
CA GLU F 191 7.86 -4.98 -29.60
C GLU F 191 6.44 -5.06 -29.03
N LYS F 192 5.74 -3.94 -29.03
CA LYS F 192 4.38 -3.90 -28.54
C LYS F 192 3.43 -4.15 -29.71
N ALA F 193 2.80 -5.32 -29.71
CA ALA F 193 1.86 -5.72 -30.76
C ALA F 193 0.46 -5.16 -30.54
N LEU F 194 -0.23 -4.85 -31.63
CA LEU F 194 -1.59 -4.33 -31.56
C LEU F 194 -2.52 -5.36 -32.16
N SER F 195 -3.75 -5.40 -31.66
CA SER F 195 -4.74 -6.35 -32.15
C SER F 195 -5.10 -5.98 -33.57
N LEU F 196 -5.79 -6.89 -34.26
CA LEU F 196 -6.22 -6.64 -35.63
C LEU F 196 -7.09 -5.39 -35.69
N GLY F 197 -8.02 -5.28 -34.75
CA GLY F 197 -8.89 -4.12 -34.71
C GLY F 197 -8.12 -2.85 -34.46
N VAL F 198 -7.16 -2.89 -33.55
CA VAL F 198 -6.38 -1.69 -33.26
C VAL F 198 -5.42 -1.34 -34.40
N THR F 199 -4.87 -2.34 -35.08
CA THR F 199 -3.98 -2.04 -36.20
C THR F 199 -4.83 -1.29 -37.22
N LYS F 200 -6.06 -1.75 -37.41
CA LYS F 200 -6.96 -1.10 -38.35
C LYS F 200 -7.14 0.38 -38.01
N LEU F 201 -7.42 0.66 -36.75
CA LEU F 201 -7.62 2.05 -36.34
C LEU F 201 -6.39 2.90 -36.60
N VAL F 202 -5.21 2.29 -36.42
CA VAL F 202 -3.96 2.98 -36.62
C VAL F 202 -3.70 3.20 -38.10
N GLU F 203 -4.11 2.24 -38.91
CA GLU F 203 -3.93 2.33 -40.35
C GLU F 203 -4.72 3.52 -40.89
N ARG F 204 -5.99 3.59 -40.54
CA ARG F 204 -6.83 4.68 -41.00
C ARG F 204 -6.23 6.05 -40.66
N TRP F 205 -5.52 6.14 -39.52
CA TRP F 205 -4.91 7.42 -39.12
C TRP F 205 -3.73 7.72 -40.04
N ILE F 206 -2.86 6.73 -40.20
CA ILE F 206 -1.69 6.92 -41.04
C ILE F 206 -2.14 7.39 -42.42
N SER F 207 -3.13 6.70 -42.98
CA SER F 207 -3.65 7.01 -44.31
C SER F 207 -4.19 8.43 -44.46
N VAL F 208 -5.03 8.84 -43.52
CA VAL F 208 -5.65 10.16 -43.53
C VAL F 208 -4.71 11.29 -43.05
N SER F 209 -3.60 10.93 -42.43
CA SER F 209 -2.65 11.92 -41.91
C SER F 209 -1.47 12.15 -42.83
N GLY F 210 -0.94 11.08 -43.39
CA GLY F 210 0.21 11.19 -44.27
C GLY F 210 1.54 11.15 -43.54
N VAL F 211 1.56 10.71 -42.29
CA VAL F 211 2.80 10.65 -41.53
C VAL F 211 3.77 9.65 -42.15
N ALA F 212 3.23 8.71 -42.92
CA ALA F 212 4.04 7.70 -43.59
C ALA F 212 4.92 8.32 -44.65
N ASP F 213 4.67 9.60 -44.97
CA ASP F 213 5.45 10.31 -45.97
C ASP F 213 6.94 10.23 -45.67
N ASP F 214 7.28 10.09 -44.40
CA ASP F 214 8.67 10.02 -43.98
C ASP F 214 8.71 9.16 -42.72
N PRO F 215 9.36 7.99 -42.78
CA PRO F 215 9.46 7.07 -41.64
C PRO F 215 9.97 7.68 -40.34
N ASN F 216 10.78 8.72 -40.45
CA ASN F 216 11.34 9.36 -39.28
C ASN F 216 10.35 10.37 -38.71
N ASN F 217 9.11 10.26 -39.16
CA ASN F 217 8.04 11.12 -38.71
C ASN F 217 7.44 10.50 -37.46
N TYR F 218 7.04 11.32 -36.50
CA TYR F 218 6.42 10.79 -35.29
C TYR F 218 5.04 10.29 -35.73
N LEU F 219 4.65 9.10 -35.26
CA LEU F 219 3.35 8.54 -35.62
C LEU F 219 2.21 9.52 -35.32
N PHE F 220 2.32 10.26 -34.22
CA PHE F 220 1.29 11.22 -33.86
C PHE F 220 1.70 12.66 -34.00
N CYS F 221 0.78 13.49 -34.49
CA CYS F 221 1.05 14.91 -34.69
C CYS F 221 -0.19 15.74 -34.45
N ARG F 222 -0.06 17.05 -34.60
CA ARG F 222 -1.21 17.92 -34.41
C ARG F 222 -2.11 17.85 -35.63
N VAL F 223 -3.31 18.36 -35.46
CA VAL F 223 -4.31 18.39 -36.50
C VAL F 223 -4.99 19.73 -36.31
N ARG F 224 -4.67 20.70 -37.18
CA ARG F 224 -5.25 22.03 -37.05
C ARG F 224 -6.75 22.05 -37.27
N LYS F 225 -7.39 23.16 -36.90
CA LYS F 225 -8.83 23.25 -37.01
C LYS F 225 -9.44 22.88 -38.36
N ASN F 226 -8.68 23.02 -39.45
CA ASN F 226 -9.23 22.69 -40.76
C ASN F 226 -9.11 21.22 -41.15
N GLY F 227 -8.66 20.39 -40.22
CA GLY F 227 -8.54 18.96 -40.45
C GLY F 227 -7.27 18.47 -41.11
N VAL F 228 -6.29 19.35 -41.26
CA VAL F 228 -5.04 18.96 -41.88
C VAL F 228 -3.97 18.59 -40.85
N ALA F 229 -3.54 17.34 -40.90
CA ALA F 229 -2.51 16.85 -39.99
C ALA F 229 -1.19 17.54 -40.33
N ALA F 230 -0.42 17.90 -39.31
CA ALA F 230 0.86 18.56 -39.53
C ALA F 230 2.02 17.66 -39.08
N PRO F 231 2.40 16.68 -39.91
CA PRO F 231 3.48 15.76 -39.56
C PRO F 231 4.77 16.49 -39.20
N SER F 232 5.71 15.77 -38.60
CA SER F 232 6.98 16.34 -38.20
C SER F 232 7.92 15.27 -37.68
N ALA F 233 9.19 15.40 -38.02
CA ALA F 233 10.20 14.45 -37.59
C ALA F 233 11.07 15.08 -36.52
N THR F 234 10.74 16.31 -36.14
CA THR F 234 11.51 17.01 -35.11
C THR F 234 10.63 17.41 -33.90
N SER F 235 9.33 17.47 -34.11
CA SER F 235 8.40 17.83 -33.04
C SER F 235 7.33 16.77 -32.84
N GLN F 236 7.16 16.34 -31.59
CA GLN F 236 6.14 15.34 -31.29
C GLN F 236 4.93 16.07 -30.73
N LEU F 237 3.79 15.40 -30.77
CA LEU F 237 2.56 15.93 -30.22
C LEU F 237 2.85 15.97 -28.71
N SER F 238 2.68 17.12 -28.06
CA SER F 238 2.99 17.19 -26.64
C SER F 238 2.22 16.20 -25.78
N THR F 239 2.84 15.75 -24.69
CA THR F 239 2.19 14.82 -23.78
C THR F 239 1.01 15.57 -23.15
N ARG F 240 1.14 16.88 -23.06
CA ARG F 240 0.07 17.71 -22.52
C ARG F 240 -1.14 17.57 -23.44
N ALA F 241 -0.87 17.39 -24.73
CA ALA F 241 -1.92 17.24 -25.72
C ALA F 241 -2.54 15.86 -25.61
N LEU F 242 -1.71 14.83 -25.46
CA LEU F 242 -2.19 13.46 -25.32
C LEU F 242 -3.12 13.35 -24.12
N GLU F 243 -2.86 14.17 -23.10
CA GLU F 243 -3.68 14.16 -21.90
C GLU F 243 -5.03 14.77 -22.24
N GLY F 244 -4.99 15.77 -23.11
CA GLY F 244 -6.20 16.45 -23.54
C GLY F 244 -7.12 15.57 -24.36
N ILE F 245 -6.57 14.56 -25.01
CA ILE F 245 -7.35 13.62 -25.80
C ILE F 245 -8.18 12.80 -24.82
N PHE F 246 -7.52 12.29 -23.79
CA PHE F 246 -8.20 11.49 -22.76
C PHE F 246 -9.31 12.33 -22.07
N GLU F 247 -8.99 13.57 -21.70
CA GLU F 247 -9.96 14.43 -21.04
C GLU F 247 -11.13 14.83 -21.92
N ALA F 248 -10.84 15.10 -23.19
CA ALA F 248 -11.88 15.50 -24.14
C ALA F 248 -12.76 14.29 -24.46
N THR F 249 -12.16 13.11 -24.46
CA THR F 249 -12.93 11.92 -24.76
C THR F 249 -13.93 11.68 -23.62
N HIS F 250 -13.46 11.84 -22.38
CA HIS F 250 -14.29 11.66 -21.19
C HIS F 250 -15.43 12.68 -21.21
N ARG F 251 -15.11 13.93 -21.54
CA ARG F 251 -16.11 14.99 -21.60
C ARG F 251 -17.16 14.64 -22.67
N LEU F 252 -16.72 13.92 -23.69
CA LEU F 252 -17.57 13.49 -24.79
C LEU F 252 -18.73 12.67 -24.24
N ILE F 253 -18.36 11.59 -23.54
CA ILE F 253 -19.32 10.68 -22.95
C ILE F 253 -20.07 11.17 -21.72
N TYR F 254 -19.42 12.01 -20.90
CA TYR F 254 -20.06 12.46 -19.66
C TYR F 254 -20.14 13.96 -19.41
N GLY F 255 -19.77 14.77 -20.38
CA GLY F 255 -19.86 16.20 -20.19
C GLY F 255 -18.74 16.85 -19.38
N ALA F 256 -18.88 18.15 -19.15
CA ALA F 256 -17.91 18.94 -18.41
C ALA F 256 -17.63 18.44 -17.01
N LYS F 257 -16.34 18.43 -16.67
CA LYS F 257 -15.84 17.99 -15.37
C LYS F 257 -16.48 18.68 -14.18
N ASP F 258 -16.39 18.00 -13.03
CA ASP F 258 -16.91 18.51 -11.77
C ASP F 258 -16.23 19.84 -11.48
N ASP F 259 -16.75 20.60 -10.52
CA ASP F 259 -16.15 21.88 -10.15
C ASP F 259 -15.46 21.78 -8.79
N SER F 260 -15.12 20.57 -8.38
CA SER F 260 -14.47 20.32 -7.10
C SER F 260 -12.99 20.70 -7.14
N GLY F 261 -12.45 20.76 -8.35
CA GLY F 261 -11.05 21.12 -8.51
C GLY F 261 -10.11 19.97 -8.21
N GLN F 262 -10.67 18.79 -7.91
CA GLN F 262 -9.85 17.63 -7.61
C GLN F 262 -9.27 17.00 -8.88
N ARG F 263 -8.26 16.16 -8.71
CA ARG F 263 -7.63 15.48 -9.85
C ARG F 263 -8.30 14.14 -10.13
N TYR F 264 -8.22 13.70 -11.38
CA TYR F 264 -8.77 12.43 -11.82
C TYR F 264 -10.30 12.38 -11.90
N LEU F 265 -10.91 13.52 -12.22
CA LEU F 265 -12.36 13.61 -12.36
C LEU F 265 -12.70 13.20 -13.80
N ALA F 266 -11.67 13.11 -14.63
CA ALA F 266 -11.85 12.72 -16.02
C ALA F 266 -10.62 11.93 -16.36
N TRP F 267 -10.70 11.14 -17.42
CA TRP F 267 -9.58 10.31 -17.82
C TRP F 267 -8.33 11.17 -18.05
N SER F 268 -7.16 10.63 -17.76
CA SER F 268 -5.93 11.36 -17.95
C SER F 268 -4.90 10.46 -18.59
N GLY F 269 -3.71 11.00 -18.85
CA GLY F 269 -2.65 10.25 -19.49
C GLY F 269 -2.39 8.83 -19.08
N HIS F 270 -2.62 8.51 -17.81
CA HIS F 270 -2.36 7.16 -17.31
C HIS F 270 -3.59 6.24 -17.22
N SER F 271 -4.76 6.79 -17.54
CA SER F 271 -6.02 6.07 -17.48
C SER F 271 -6.10 4.70 -18.14
N ALA F 272 -5.55 4.58 -19.35
CA ALA F 272 -5.59 3.34 -20.07
C ALA F 272 -4.57 2.35 -19.55
N ARG F 273 -3.48 2.88 -19.01
CA ARG F 273 -2.45 2.02 -18.46
C ARG F 273 -3.01 1.31 -17.23
N VAL F 274 -3.52 2.07 -16.25
CA VAL F 274 -4.08 1.44 -15.05
C VAL F 274 -5.33 0.61 -15.38
N GLY F 275 -6.15 1.14 -16.28
CA GLY F 275 -7.37 0.45 -16.66
C GLY F 275 -7.12 -0.89 -17.35
N ALA F 276 -6.12 -0.96 -18.20
CA ALA F 276 -5.85 -2.22 -18.89
C ALA F 276 -5.23 -3.24 -17.94
N ALA F 277 -4.41 -2.77 -17.01
CA ALA F 277 -3.77 -3.63 -16.03
C ALA F 277 -4.85 -4.27 -15.19
N ARG F 278 -5.85 -3.48 -14.81
CA ARG F 278 -6.95 -3.98 -14.02
C ARG F 278 -7.82 -4.95 -14.82
N ASP F 279 -7.89 -4.76 -16.13
CA ASP F 279 -8.69 -5.64 -16.98
C ASP F 279 -8.05 -7.01 -17.09
N MET F 280 -6.71 -7.04 -17.17
CA MET F 280 -5.97 -8.28 -17.29
C MET F 280 -6.05 -9.07 -15.99
N ALA F 281 -5.93 -8.35 -14.88
CA ALA F 281 -6.02 -8.97 -13.57
C ALA F 281 -7.38 -9.65 -13.53
N ARG F 282 -8.43 -8.85 -13.72
CA ARG F 282 -9.78 -9.39 -13.71
C ARG F 282 -9.85 -10.59 -14.62
N ALA F 283 -9.18 -10.51 -15.76
CA ALA F 283 -9.18 -11.57 -16.77
C ALA F 283 -8.53 -12.87 -16.32
N GLY F 284 -7.78 -12.82 -15.24
CA GLY F 284 -7.11 -14.00 -14.75
C GLY F 284 -5.74 -14.13 -15.38
N VAL F 285 -5.21 -13.02 -15.90
CA VAL F 285 -3.90 -13.03 -16.54
C VAL F 285 -2.79 -13.14 -15.50
N SER F 286 -1.81 -14.00 -15.79
CA SER F 286 -0.69 -14.22 -14.87
C SER F 286 0.13 -12.96 -14.72
N ILE F 287 0.70 -12.76 -13.54
CA ILE F 287 1.52 -11.59 -13.26
C ILE F 287 2.69 -11.43 -14.24
N PRO F 288 3.40 -12.52 -14.56
CA PRO F 288 4.50 -12.31 -15.51
C PRO F 288 3.99 -11.71 -16.81
N GLU F 289 2.74 -12.02 -17.17
CA GLU F 289 2.17 -11.49 -18.41
C GLU F 289 1.81 -10.02 -18.26
N ILE F 290 1.16 -9.68 -17.14
CA ILE F 290 0.79 -8.30 -16.90
C ILE F 290 2.09 -7.50 -16.82
N MET F 291 3.10 -8.14 -16.22
CA MET F 291 4.42 -7.55 -16.06
C MET F 291 4.93 -7.18 -17.45
N GLN F 292 5.03 -8.18 -18.31
CA GLN F 292 5.50 -7.98 -19.67
C GLN F 292 4.69 -6.86 -20.30
N ALA F 293 3.37 -7.02 -20.27
CA ALA F 293 2.46 -6.04 -20.84
C ALA F 293 2.76 -4.60 -20.49
N GLY F 294 2.95 -4.33 -19.20
CA GLY F 294 3.20 -2.97 -18.77
C GLY F 294 4.66 -2.57 -18.65
N GLY F 295 5.57 -3.48 -18.99
CA GLY F 295 6.99 -3.17 -18.89
C GLY F 295 7.46 -3.07 -17.45
N TRP F 296 6.77 -3.80 -16.56
CA TRP F 296 7.12 -3.80 -15.15
C TRP F 296 8.10 -4.94 -14.91
N THR F 297 9.03 -4.71 -13.98
CA THR F 297 10.05 -5.70 -13.64
C THR F 297 9.79 -6.30 -12.28
N ASN F 298 9.07 -5.53 -11.46
CA ASN F 298 8.72 -5.93 -10.10
C ASN F 298 7.25 -6.31 -10.05
N VAL F 299 6.85 -7.05 -9.02
CA VAL F 299 5.47 -7.47 -8.86
C VAL F 299 4.67 -6.47 -8.03
N ASN F 300 5.36 -5.74 -7.18
CA ASN F 300 4.73 -4.76 -6.31
C ASN F 300 4.08 -3.63 -7.11
N ILE F 301 4.74 -3.19 -8.19
CA ILE F 301 4.19 -2.11 -9.01
C ILE F 301 2.85 -2.54 -9.58
N VAL F 302 2.79 -3.78 -10.06
CA VAL F 302 1.57 -4.31 -10.63
C VAL F 302 0.45 -4.25 -9.62
N MET F 303 0.73 -4.73 -8.40
CA MET F 303 -0.24 -4.73 -7.31
C MET F 303 -0.55 -3.28 -6.98
N ASN F 304 0.40 -2.42 -7.27
CA ASN F 304 0.25 -1.00 -7.03
C ASN F 304 -0.75 -0.43 -8.05
N PTR F 305 -0.67 -0.89 -9.29
CA PTR F 305 -1.58 -0.40 -10.33
C PTR F 305 -2.95 -1.02 -10.13
O PTR F 305 -3.95 -0.48 -10.58
CB PTR F 305 -1.04 -0.73 -11.74
CG PTR F 305 -0.12 0.36 -12.27
CD1 PTR F 305 1.19 0.46 -11.82
CD2 PTR F 305 -0.59 1.32 -13.16
CE1 PTR F 305 2.01 1.49 -12.24
CE2 PTR F 305 0.23 2.36 -13.59
CZ PTR F 305 1.54 2.45 -13.13
OH PTR F 305 2.38 3.47 -13.54
P PTR F 305 3.96 3.29 -13.76
O1P PTR F 305 3.98 4.53 -14.59
O2P PTR F 305 4.68 2.09 -14.25
N ILE F 306 -2.96 -2.16 -9.45
CA ILE F 306 -4.20 -2.89 -9.16
C ILE F 306 -4.80 -2.39 -7.86
N ARG F 307 -3.95 -1.81 -7.01
CA ARG F 307 -4.32 -1.29 -5.68
C ARG F 307 -5.79 -0.96 -5.45
N ASN F 308 -6.47 -0.39 -6.44
CA ASN F 308 -7.87 -0.04 -6.24
C ASN F 308 -8.87 -1.02 -6.81
N LEU F 309 -8.48 -2.28 -6.90
CA LEU F 309 -9.39 -3.31 -7.37
C LEU F 309 -9.97 -3.88 -6.07
N ASP F 310 -9.35 -3.49 -4.95
CA ASP F 310 -9.74 -3.90 -3.59
C ASP F 310 -11.15 -3.43 -3.26
N SER F 311 -12.13 -4.32 -3.47
CA SER F 311 -13.52 -3.99 -3.18
C SER F 311 -14.20 -5.25 -2.66
N GLU F 312 -15.39 -5.11 -2.09
CA GLU F 312 -16.09 -6.28 -1.59
C GLU F 312 -16.34 -7.25 -2.74
N THR F 313 -16.02 -8.53 -2.52
CA THR F 313 -16.21 -9.55 -3.54
C THR F 313 -17.41 -10.41 -3.23
N GLY F 314 -17.82 -10.40 -1.96
CA GLY F 314 -18.95 -11.21 -1.55
C GLY F 314 -18.55 -12.65 -1.34
N ALA F 315 -17.24 -12.88 -1.23
CA ALA F 315 -16.70 -14.22 -1.04
C ALA F 315 -17.14 -14.88 0.27
N MET F 316 -17.16 -14.11 1.36
CA MET F 316 -17.55 -14.67 2.64
C MET F 316 -19.06 -14.74 2.74
N VAL F 317 -19.75 -13.71 2.28
CA VAL F 317 -21.20 -13.70 2.32
C VAL F 317 -21.75 -14.96 1.64
N ARG F 318 -21.27 -15.24 0.44
CA ARG F 318 -21.71 -16.43 -0.32
C ARG F 318 -21.40 -17.70 0.43
N LEU F 319 -20.32 -17.69 1.20
CA LEU F 319 -19.90 -18.86 1.96
C LEU F 319 -20.82 -19.10 3.16
N LEU F 320 -21.25 -18.02 3.79
CA LEU F 320 -22.12 -18.11 4.95
C LEU F 320 -23.56 -18.41 4.56
N GLU F 321 -23.98 -17.86 3.44
CA GLU F 321 -25.35 -18.07 2.98
C GLU F 321 -25.48 -19.40 2.25
N ASP F 322 -24.80 -20.42 2.76
CA ASP F 322 -24.82 -21.76 2.21
C ASP F 322 -23.86 -22.69 2.96
#